data_3G5K
#
_entry.id   3G5K
#
_cell.length_a   116.144
_cell.length_b   77.830
_cell.length_c   110.532
_cell.angle_alpha   90.00
_cell.angle_beta   107.46
_cell.angle_gamma   90.00
#
_symmetry.space_group_name_H-M   'C 1 2 1'
#
loop_
_entity.id
_entity.type
_entity.pdbx_description
1 polymer 'Peptide deformylase, mitochondrial'
2 non-polymer ACTINONIN
3 non-polymer 'COBALT (II) ION'
4 water water
#
_entity_poly.entity_id   1
_entity_poly.type   'polypeptide(L)'
_entity_poly.pdbx_seq_one_letter_code
;HMSFSHVCQVGDPVLRGVAAPVERAQLGGPELQRLTQRLVQVMRRRRCVGLSAPQLGVPRQVLALELPEALCRECPPRQR
ALRQMEPFPLRVFVNPSLRVLDSRLVTFPEGCESVAGFLACVPRFQAVQISGLDPNGEQVVWQASGWAARIIQHEMDHLQ
GCLFIDKMDSRTFTNVYWMKVND
;
_entity_poly.pdbx_strand_id   A,B,C,D
#
loop_
_chem_comp.id
_chem_comp.type
_chem_comp.name
_chem_comp.formula
BB2 non-polymer ACTINONIN 'C19 H35 N3 O5'
CO non-polymer 'COBALT (II) ION' 'Co 2'
#
# COMPACT_ATOMS: atom_id res chain seq x y z
N HIS A 1 -42.43 4.53 -47.03
CA HIS A 1 -41.25 3.90 -47.68
C HIS A 1 -40.26 3.44 -46.61
N MET A 2 -39.48 2.43 -46.95
CA MET A 2 -38.57 1.87 -45.96
C MET A 2 -37.19 1.62 -46.55
N SER A 3 -36.17 1.61 -45.68
CA SER A 3 -34.86 1.25 -46.15
C SER A 3 -34.27 0.45 -44.94
N PHE A 4 -32.98 0.21 -44.98
CA PHE A 4 -32.36 -0.60 -43.95
C PHE A 4 -31.33 0.27 -43.33
N SER A 5 -31.07 0.07 -42.01
CA SER A 5 -30.03 0.80 -41.35
C SER A 5 -29.23 -0.23 -40.61
N HIS A 6 -27.94 0.05 -40.39
CA HIS A 6 -27.19 -0.91 -39.58
C HIS A 6 -26.28 -0.16 -38.61
N VAL A 7 -26.08 -0.80 -37.48
CA VAL A 7 -25.13 -0.26 -36.50
C VAL A 7 -23.78 -0.89 -36.78
N CYS A 8 -22.81 -0.04 -37.11
CA CYS A 8 -21.46 -0.50 -37.48
C CYS A 8 -20.85 -1.25 -36.24
N GLN A 9 -20.09 -2.30 -36.53
CA GLN A 9 -19.50 -3.16 -35.51
C GLN A 9 -17.98 -2.95 -35.44
N VAL A 10 -17.44 -3.30 -34.27
CA VAL A 10 -16.01 -3.05 -34.01
C VAL A 10 -15.16 -3.73 -35.06
N GLY A 11 -14.20 -2.95 -35.56
CA GLY A 11 -13.47 -3.28 -36.77
C GLY A 11 -13.64 -2.23 -37.81
N ASP A 12 -14.87 -1.69 -37.91
CA ASP A 12 -15.10 -0.56 -38.83
C ASP A 12 -14.33 0.65 -38.38
N PRO A 13 -13.42 1.19 -39.19
CA PRO A 13 -12.61 2.30 -38.71
C PRO A 13 -13.41 3.54 -38.34
N VAL A 14 -14.62 3.70 -38.87
CA VAL A 14 -15.45 4.90 -38.48
C VAL A 14 -15.63 4.97 -36.95
N LEU A 15 -15.56 3.81 -36.27
CA LEU A 15 -15.82 3.86 -34.81
C LEU A 15 -14.62 4.33 -34.03
N ARG A 16 -13.44 4.37 -34.69
CA ARG A 16 -12.19 4.77 -33.97
C ARG A 16 -11.67 6.13 -34.38
N GLY A 17 -12.29 6.74 -35.37
CA GLY A 17 -11.96 8.13 -35.77
C GLY A 17 -12.44 9.16 -34.77
N VAL A 18 -11.96 10.41 -34.91
CA VAL A 18 -12.59 11.47 -34.11
C VAL A 18 -13.56 12.18 -35.04
N ALA A 19 -14.84 12.16 -34.67
CA ALA A 19 -15.89 12.64 -35.58
C ALA A 19 -15.70 14.19 -35.79
N ALA A 20 -16.03 14.60 -37.02
CA ALA A 20 -15.86 16.04 -37.43
C ALA A 20 -17.09 16.80 -36.90
N PRO A 21 -16.89 18.05 -36.57
CA PRO A 21 -18.05 18.86 -36.17
C PRO A 21 -19.06 19.03 -37.30
N VAL A 22 -20.31 19.30 -36.94
CA VAL A 22 -21.36 19.68 -37.93
C VAL A 22 -21.13 21.19 -38.17
N GLU A 23 -20.97 21.56 -39.46
CA GLU A 23 -20.73 22.95 -39.87
C GLU A 23 -22.00 23.79 -39.68
N ARG A 24 -21.81 25.09 -39.38
CA ARG A 24 -22.89 25.97 -39.09
C ARG A 24 -23.91 25.93 -40.25
N ALA A 25 -23.41 25.75 -41.46
CA ALA A 25 -24.29 25.73 -42.65
C ALA A 25 -25.23 24.60 -42.69
N GLN A 26 -24.87 23.49 -42.01
CA GLN A 26 -25.72 22.37 -41.94
C GLN A 26 -26.78 22.37 -40.83
N LEU A 27 -26.64 23.28 -39.86
CA LEU A 27 -27.60 23.28 -38.72
C LEU A 27 -29.00 23.63 -39.26
N GLY A 28 -30.04 23.03 -38.67
CA GLY A 28 -31.41 23.19 -39.19
C GLY A 28 -31.75 22.54 -40.53
N GLY A 29 -30.75 22.02 -41.23
CA GLY A 29 -30.96 21.51 -42.61
C GLY A 29 -31.49 20.10 -42.68
N PRO A 30 -31.95 19.74 -43.88
CA PRO A 30 -32.64 18.51 -44.09
C PRO A 30 -31.73 17.30 -43.94
N GLU A 31 -30.47 17.42 -44.34
CA GLU A 31 -29.58 16.29 -44.21
C GLU A 31 -29.34 15.96 -42.73
N LEU A 32 -29.12 17.00 -41.92
CA LEU A 32 -28.99 16.76 -40.49
C LEU A 32 -30.29 16.23 -39.82
N GLN A 33 -31.43 16.72 -40.28
CA GLN A 33 -32.69 16.16 -39.82
C GLN A 33 -32.84 14.68 -40.16
N ARG A 34 -32.45 14.29 -41.37
CA ARG A 34 -32.58 12.88 -41.75
C ARG A 34 -31.67 12.08 -40.81
N LEU A 35 -30.46 12.61 -40.53
CA LEU A 35 -29.51 11.85 -39.67
C LEU A 35 -30.06 11.72 -38.27
N THR A 36 -30.59 12.81 -37.69
CA THR A 36 -31.11 12.74 -36.30
C THR A 36 -32.32 11.83 -36.23
N GLN A 37 -33.19 11.83 -37.26
CA GLN A 37 -34.40 10.99 -37.20
C GLN A 37 -33.98 9.55 -37.27
N ARG A 38 -32.99 9.27 -38.08
CA ARG A 38 -32.47 7.89 -38.19
C ARG A 38 -31.84 7.42 -36.93
N LEU A 39 -31.01 8.25 -36.31
CA LEU A 39 -30.46 7.85 -35.02
C LEU A 39 -31.56 7.53 -34.04
N VAL A 40 -32.56 8.44 -33.88
CA VAL A 40 -33.59 8.20 -32.90
C VAL A 40 -34.38 6.94 -33.25
N GLN A 41 -34.67 6.72 -34.53
CA GLN A 41 -35.37 5.49 -34.89
C GLN A 41 -34.63 4.18 -34.56
N VAL A 42 -33.32 4.18 -34.85
CA VAL A 42 -32.54 2.96 -34.58
C VAL A 42 -32.41 2.76 -33.12
N MET A 43 -32.11 3.86 -32.36
CA MET A 43 -32.05 3.79 -30.92
C MET A 43 -33.35 3.23 -30.32
N ARG A 44 -34.52 3.69 -30.76
CA ARG A 44 -35.77 3.14 -30.28
C ARG A 44 -36.08 1.69 -30.71
N ARG A 45 -35.74 1.37 -31.94
CA ARG A 45 -35.91 -0.03 -32.38
C ARG A 45 -35.10 -1.02 -31.59
N ARG A 46 -33.87 -0.63 -31.27
CA ARG A 46 -32.99 -1.50 -30.53
C ARG A 46 -33.13 -1.44 -29.01
N ARG A 47 -34.06 -0.61 -28.52
CA ARG A 47 -34.28 -0.41 -27.10
C ARG A 47 -32.96 -0.07 -26.35
N CYS A 48 -32.11 0.78 -26.95
CA CYS A 48 -30.90 1.23 -26.29
C CYS A 48 -31.15 2.71 -25.87
N VAL A 49 -30.30 3.27 -25.05
CA VAL A 49 -30.66 4.53 -24.42
C VAL A 49 -29.79 5.63 -24.98
N GLY A 50 -28.85 5.30 -25.84
CA GLY A 50 -28.07 6.36 -26.55
C GLY A 50 -27.54 5.82 -27.87
N LEU A 51 -27.21 6.67 -28.81
CA LEU A 51 -26.63 6.22 -30.08
C LEU A 51 -25.93 7.41 -30.70
N SER A 52 -24.83 7.17 -31.42
CA SER A 52 -24.04 8.29 -32.02
C SER A 52 -23.91 8.11 -33.51
N ALA A 53 -23.75 9.22 -34.22
CA ALA A 53 -23.65 9.12 -35.67
C ALA A 53 -22.60 8.22 -36.23
N PRO A 54 -21.40 8.18 -35.62
CA PRO A 54 -20.36 7.26 -36.18
C PRO A 54 -20.88 5.82 -36.21
N GLN A 55 -21.79 5.48 -35.29
CA GLN A 55 -22.28 4.07 -35.24
C GLN A 55 -23.25 3.82 -36.38
N LEU A 56 -23.78 4.87 -37.04
CA LEU A 56 -24.50 4.62 -38.28
C LEU A 56 -23.62 4.98 -39.50
N GLY A 57 -22.30 5.00 -39.32
CA GLY A 57 -21.32 5.13 -40.38
C GLY A 57 -21.09 6.63 -40.77
N VAL A 58 -21.55 7.56 -39.93
CA VAL A 58 -21.43 8.99 -40.27
C VAL A 58 -20.50 9.67 -39.27
N PRO A 59 -19.28 10.09 -39.74
CA PRO A 59 -18.25 10.51 -38.78
C PRO A 59 -18.48 12.01 -38.44
N ARG A 60 -19.63 12.30 -37.81
CA ARG A 60 -20.01 13.69 -37.42
C ARG A 60 -20.40 13.68 -35.97
N GLN A 61 -20.21 14.86 -35.32
CA GLN A 61 -20.45 14.97 -33.88
C GLN A 61 -21.93 15.16 -33.59
N VAL A 62 -22.67 14.07 -33.63
CA VAL A 62 -24.10 14.09 -33.34
C VAL A 62 -24.44 12.84 -32.51
N LEU A 63 -25.23 13.03 -31.45
CA LEU A 63 -25.61 11.83 -30.64
C LEU A 63 -27.03 12.09 -30.14
N ALA A 64 -27.71 10.99 -29.76
CA ALA A 64 -29.06 11.18 -29.16
C ALA A 64 -29.09 10.31 -27.88
N LEU A 65 -29.93 10.67 -26.92
CA LEU A 65 -29.99 9.99 -25.63
C LEU A 65 -31.50 9.97 -25.25
N GLU A 66 -31.98 8.83 -24.73
CA GLU A 66 -33.40 8.80 -24.31
C GLU A 66 -33.60 7.55 -23.46
N LEU A 67 -34.27 7.71 -22.31
CA LEU A 67 -34.59 6.55 -21.46
C LEU A 67 -36.06 6.61 -21.09
N PRO A 68 -36.89 5.98 -21.92
CA PRO A 68 -38.33 5.99 -21.58
C PRO A 68 -38.65 5.22 -20.31
N GLU A 69 -39.80 5.58 -19.69
CA GLU A 69 -40.23 4.97 -18.47
C GLU A 69 -40.32 3.45 -18.58
N ALA A 70 -40.84 2.93 -19.71
CA ALA A 70 -41.11 1.47 -19.82
C ALA A 70 -39.82 0.74 -19.85
N LEU A 71 -38.89 1.28 -20.66
CA LEU A 71 -37.56 0.66 -20.73
C LEU A 71 -36.86 0.72 -19.40
N CYS A 72 -36.97 1.88 -18.73
CA CYS A 72 -36.50 2.00 -17.40
C CYS A 72 -37.09 0.97 -16.39
N ARG A 73 -38.40 0.70 -16.49
CA ARG A 73 -39.04 -0.21 -15.58
C ARG A 73 -38.78 -1.70 -15.87
N GLU A 74 -38.13 -2.02 -16.99
CA GLU A 74 -37.69 -3.39 -17.24
C GLU A 74 -36.64 -3.75 -16.20
N CYS A 75 -35.91 -2.73 -15.70
CA CYS A 75 -34.87 -3.04 -14.73
C CYS A 75 -35.57 -3.13 -13.33
N PRO A 76 -35.33 -4.20 -12.52
CA PRO A 76 -35.99 -4.35 -11.22
C PRO A 76 -35.65 -3.16 -10.30
N PRO A 77 -36.61 -2.74 -9.43
CA PRO A 77 -36.49 -1.50 -8.60
C PRO A 77 -35.15 -1.47 -7.80
N ARG A 78 -34.72 -2.63 -7.28
CA ARG A 78 -33.54 -2.70 -6.42
C ARG A 78 -32.29 -2.36 -7.26
N GLN A 79 -32.24 -2.96 -8.45
CA GLN A 79 -31.12 -2.68 -9.38
C GLN A 79 -31.24 -1.19 -9.90
N ARG A 80 -32.47 -0.67 -10.08
CA ARG A 80 -32.64 0.70 -10.55
C ARG A 80 -32.13 1.61 -9.52
N ALA A 81 -32.42 1.31 -8.25
CA ALA A 81 -31.98 2.19 -7.20
C ALA A 81 -30.46 2.16 -7.08
N LEU A 82 -29.90 0.95 -7.15
CA LEU A 82 -28.44 0.79 -7.02
C LEU A 82 -27.71 1.61 -8.11
N ARG A 83 -28.18 1.47 -9.33
CA ARG A 83 -27.57 2.19 -10.49
C ARG A 83 -28.03 3.63 -10.62
N GLN A 84 -28.93 4.10 -9.71
CA GLN A 84 -29.41 5.50 -9.87
C GLN A 84 -29.97 5.71 -11.29
N MET A 85 -30.83 4.80 -11.70
CA MET A 85 -31.40 4.83 -12.98
C MET A 85 -32.80 5.52 -12.91
N GLU A 86 -33.01 6.54 -13.74
CA GLU A 86 -34.32 7.18 -13.77
C GLU A 86 -34.61 7.53 -15.21
N PRO A 87 -35.91 7.67 -15.55
CA PRO A 87 -36.15 7.94 -16.96
C PRO A 87 -35.76 9.38 -17.31
N PHE A 88 -35.51 9.62 -18.59
CA PHE A 88 -35.34 10.99 -19.05
C PHE A 88 -35.71 11.10 -20.52
N PRO A 89 -36.05 12.33 -20.95
CA PRO A 89 -36.68 12.43 -22.32
C PRO A 89 -35.54 12.46 -23.35
N LEU A 90 -35.96 12.43 -24.61
CA LEU A 90 -35.04 12.49 -25.71
C LEU A 90 -34.34 13.82 -25.73
N ARG A 91 -33.01 13.78 -25.87
CA ARG A 91 -32.19 14.95 -26.26
C ARG A 91 -31.25 14.53 -27.33
N VAL A 92 -31.09 15.47 -28.28
CA VAL A 92 -30.15 15.21 -29.42
C VAL A 92 -29.13 16.32 -29.31
N PHE A 93 -27.87 15.97 -29.35
CA PHE A 93 -26.78 16.97 -29.20
C PHE A 93 -25.95 16.98 -30.48
N VAL A 94 -25.55 18.20 -30.91
CA VAL A 94 -24.66 18.41 -32.05
C VAL A 94 -23.46 19.15 -31.50
N ASN A 95 -22.27 18.73 -31.93
CA ASN A 95 -21.00 19.27 -31.47
C ASN A 95 -20.92 19.47 -29.95
N PRO A 96 -21.16 18.42 -29.17
CA PRO A 96 -21.17 18.54 -27.74
C PRO A 96 -19.85 18.53 -27.10
N SER A 97 -19.80 19.10 -25.88
CA SER A 97 -18.58 19.01 -25.12
C SER A 97 -19.04 18.49 -23.74
N LEU A 98 -18.07 17.93 -22.99
CA LEU A 98 -18.41 17.26 -21.70
C LEU A 98 -17.57 17.88 -20.59
N ARG A 99 -18.23 18.17 -19.46
CA ARG A 99 -17.47 18.67 -18.28
C ARG A 99 -17.79 17.73 -17.14
N VAL A 100 -16.76 17.35 -16.41
CA VAL A 100 -17.06 16.43 -15.31
C VAL A 100 -17.44 17.25 -14.08
N LEU A 101 -18.54 16.87 -13.45
CA LEU A 101 -19.02 17.67 -12.28
C LEU A 101 -18.73 16.97 -10.97
N ASP A 102 -18.68 15.63 -10.99
CA ASP A 102 -18.33 14.86 -9.79
C ASP A 102 -17.46 13.70 -10.33
N SER A 103 -16.18 13.75 -10.01
CA SER A 103 -15.22 12.79 -10.56
C SER A 103 -15.17 11.50 -9.80
N ARG A 104 -16.04 11.33 -8.79
CA ARG A 104 -16.10 10.00 -8.16
C ARG A 104 -16.43 8.93 -9.18
N LEU A 105 -15.75 7.77 -9.10
CA LEU A 105 -16.00 6.73 -10.13
C LEU A 105 -17.03 5.71 -9.60
N VAL A 106 -17.83 5.18 -10.54
CA VAL A 106 -18.87 4.22 -10.20
C VAL A 106 -18.71 3.10 -11.25
N THR A 107 -18.71 1.85 -10.78
CA THR A 107 -18.41 0.74 -11.74
C THR A 107 -19.57 -0.20 -11.83
N PHE A 108 -20.07 -0.37 -13.08
CA PHE A 108 -21.14 -1.32 -13.37
C PHE A 108 -20.91 -1.85 -14.79
N PRO A 109 -21.58 -2.96 -15.14
CA PRO A 109 -21.52 -3.51 -16.50
C PRO A 109 -22.24 -2.63 -17.49
N GLU A 110 -21.64 -2.50 -18.66
CA GLU A 110 -22.39 -1.83 -19.79
C GLU A 110 -22.01 -2.59 -21.03
N GLY A 111 -22.77 -2.32 -22.08
CA GLY A 111 -22.52 -2.94 -23.38
C GLY A 111 -22.65 -1.89 -24.46
N CYS A 112 -22.42 -2.26 -25.69
CA CYS A 112 -22.44 -1.23 -26.74
C CYS A 112 -23.09 -1.95 -27.95
N GLU A 113 -23.95 -1.21 -28.61
CA GLU A 113 -24.58 -1.81 -29.83
C GLU A 113 -23.55 -2.10 -30.93
N SER A 114 -22.42 -1.39 -30.91
CA SER A 114 -21.31 -1.70 -31.88
C SER A 114 -20.34 -2.81 -31.48
N VAL A 115 -20.58 -3.46 -30.30
CA VAL A 115 -19.86 -4.67 -29.85
C VAL A 115 -20.93 -5.66 -29.45
N ALA A 116 -21.79 -5.99 -30.39
CA ALA A 116 -23.06 -6.71 -30.09
C ALA A 116 -22.75 -8.03 -29.27
N GLY A 117 -23.53 -8.14 -28.19
CA GLY A 117 -23.59 -9.41 -27.48
C GLY A 117 -22.66 -9.54 -26.29
N PHE A 118 -21.96 -8.47 -25.93
CA PHE A 118 -21.05 -8.57 -24.76
C PHE A 118 -21.36 -7.46 -23.75
N LEU A 119 -20.95 -7.74 -22.53
CA LEU A 119 -20.95 -6.67 -21.47
C LEU A 119 -19.60 -6.67 -20.74
N ALA A 120 -19.24 -5.53 -20.12
CA ALA A 120 -18.07 -5.61 -19.20
C ALA A 120 -18.27 -4.41 -18.23
N CYS A 121 -17.70 -4.56 -17.02
CA CYS A 121 -17.81 -3.41 -16.09
C CYS A 121 -16.88 -2.26 -16.54
N VAL A 122 -17.33 -1.02 -16.42
CA VAL A 122 -16.52 0.15 -16.83
C VAL A 122 -16.73 1.18 -15.72
N PRO A 123 -15.65 1.77 -15.22
CA PRO A 123 -15.82 2.87 -14.24
C PRO A 123 -16.21 4.13 -14.99
N ARG A 124 -17.12 4.93 -14.39
CA ARG A 124 -17.57 6.13 -15.01
C ARG A 124 -17.74 7.17 -13.93
N PHE A 125 -17.64 8.44 -14.37
CA PHE A 125 -17.83 9.50 -13.39
C PHE A 125 -19.25 9.52 -12.87
N GLN A 126 -19.43 9.94 -11.65
CA GLN A 126 -20.79 10.01 -11.09
C GLN A 126 -21.71 11.14 -11.66
N ALA A 127 -21.08 12.25 -12.08
CA ALA A 127 -21.95 13.37 -12.64
C ALA A 127 -21.16 14.13 -13.65
N VAL A 128 -21.86 14.47 -14.74
CA VAL A 128 -21.25 15.26 -15.81
C VAL A 128 -22.28 16.28 -16.35
N GLN A 129 -21.75 17.23 -17.13
CA GLN A 129 -22.69 18.11 -17.92
C GLN A 129 -22.32 17.93 -19.37
N ILE A 130 -23.33 17.67 -20.22
CA ILE A 130 -23.08 17.74 -21.66
C ILE A 130 -23.67 19.05 -22.16
N SER A 131 -22.90 19.73 -23.01
CA SER A 131 -23.47 20.98 -23.61
C SER A 131 -23.23 20.90 -25.07
N GLY A 132 -24.16 21.40 -25.88
CA GLY A 132 -23.84 21.40 -27.29
C GLY A 132 -25.03 22.16 -27.93
N LEU A 133 -25.29 21.88 -29.18
CA LEU A 133 -26.38 22.53 -29.87
C LEU A 133 -27.46 21.53 -30.11
N ASP A 134 -28.72 21.92 -30.19
CA ASP A 134 -29.67 21.07 -30.84
C ASP A 134 -29.61 21.16 -32.35
N PRO A 135 -30.38 20.36 -33.04
CA PRO A 135 -30.18 20.30 -34.52
C PRO A 135 -30.51 21.65 -35.18
N ASN A 136 -31.22 22.48 -34.45
CA ASN A 136 -31.63 23.83 -35.02
C ASN A 136 -30.61 24.89 -34.60
N GLY A 137 -29.54 24.46 -33.96
CA GLY A 137 -28.52 25.42 -33.51
C GLY A 137 -28.76 26.13 -32.20
N GLU A 138 -29.75 25.75 -31.37
CA GLU A 138 -29.97 26.34 -30.06
C GLU A 138 -29.07 25.63 -29.03
N GLN A 139 -28.59 26.39 -28.03
CA GLN A 139 -27.76 25.83 -26.89
C GLN A 139 -28.58 24.93 -26.00
N VAL A 140 -28.03 23.76 -25.69
CA VAL A 140 -28.73 22.73 -25.02
C VAL A 140 -27.63 22.41 -23.94
N VAL A 141 -28.02 22.27 -22.68
CA VAL A 141 -27.08 21.79 -21.64
C VAL A 141 -27.88 20.86 -20.81
N TRP A 142 -27.26 19.75 -20.30
CA TRP A 142 -27.95 18.83 -19.46
C TRP A 142 -26.92 18.36 -18.40
N GLN A 143 -27.24 18.61 -17.12
CA GLN A 143 -26.39 18.14 -16.01
C GLN A 143 -27.07 16.86 -15.58
N ALA A 144 -26.27 15.76 -15.43
CA ALA A 144 -26.90 14.48 -15.08
C ALA A 144 -25.96 13.66 -14.15
N SER A 145 -26.56 12.83 -13.35
CA SER A 145 -25.72 11.98 -12.40
C SER A 145 -26.19 10.55 -12.57
N GLY A 146 -25.41 9.63 -11.97
CA GLY A 146 -25.86 8.26 -11.88
C GLY A 146 -25.86 7.61 -13.28
N TRP A 147 -26.87 6.78 -13.54
CA TRP A 147 -26.92 6.03 -14.84
C TRP A 147 -26.96 6.96 -16.03
N ALA A 148 -27.72 8.07 -15.93
CA ALA A 148 -27.79 9.02 -17.04
C ALA A 148 -26.36 9.57 -17.39
N ALA A 149 -25.57 9.87 -16.34
CA ALA A 149 -24.22 10.36 -16.60
C ALA A 149 -23.38 9.29 -17.31
N ARG A 150 -23.60 8.02 -16.93
CA ARG A 150 -22.89 6.90 -17.64
C ARG A 150 -23.17 6.87 -19.14
N ILE A 151 -24.49 6.98 -19.47
CA ILE A 151 -24.89 6.90 -20.90
C ILE A 151 -24.29 8.11 -21.63
N ILE A 152 -24.31 9.28 -21.00
CA ILE A 152 -23.67 10.47 -21.64
C ILE A 152 -22.21 10.18 -21.96
N GLN A 153 -21.49 9.63 -20.95
CA GLN A 153 -20.05 9.42 -21.14
C GLN A 153 -19.81 8.33 -22.21
N HIS A 154 -20.66 7.28 -22.25
CA HIS A 154 -20.48 6.26 -23.27
C HIS A 154 -20.68 6.87 -24.67
N GLU A 155 -21.73 7.70 -24.87
CA GLU A 155 -21.94 8.28 -26.21
C GLU A 155 -20.93 9.30 -26.61
N MET A 156 -20.49 10.11 -25.61
CA MET A 156 -19.47 11.08 -25.91
C MET A 156 -18.15 10.36 -26.35
N ASP A 157 -17.86 9.24 -25.70
CA ASP A 157 -16.63 8.47 -26.06
C ASP A 157 -16.70 8.08 -27.53
N HIS A 158 -17.90 7.73 -28.02
CA HIS A 158 -17.97 7.32 -29.42
C HIS A 158 -17.56 8.45 -30.34
N LEU A 159 -17.85 9.70 -29.97
CA LEU A 159 -17.40 10.80 -30.89
C LEU A 159 -15.94 11.05 -30.86
N GLN A 160 -15.22 10.52 -29.82
CA GLN A 160 -13.79 10.57 -29.78
C GLN A 160 -13.11 9.33 -30.33
N GLY A 161 -13.91 8.39 -30.85
CA GLY A 161 -13.34 7.14 -31.41
C GLY A 161 -13.04 6.10 -30.31
N CYS A 162 -13.65 6.24 -29.13
CA CYS A 162 -13.35 5.40 -27.97
C CYS A 162 -14.58 4.47 -27.75
N LEU A 163 -14.28 3.21 -27.54
CA LEU A 163 -15.34 2.22 -27.25
C LEU A 163 -15.14 1.72 -25.82
N PHE A 164 -16.21 1.17 -25.26
CA PHE A 164 -16.09 0.74 -23.85
C PHE A 164 -15.00 -0.25 -23.62
N ILE A 165 -14.66 -1.08 -24.62
CA ILE A 165 -13.62 -2.05 -24.45
C ILE A 165 -12.25 -1.38 -24.21
N ASP A 166 -12.14 -0.07 -24.43
CA ASP A 166 -10.84 0.58 -24.19
C ASP A 166 -10.71 0.98 -22.72
N LYS A 167 -11.83 1.00 -22.01
CA LYS A 167 -11.86 1.45 -20.59
C LYS A 167 -12.31 0.34 -19.60
N MET A 168 -12.67 -0.83 -20.14
CA MET A 168 -13.35 -1.84 -19.30
C MET A 168 -12.36 -2.51 -18.35
N ASP A 169 -12.92 -3.14 -17.31
CA ASP A 169 -12.20 -4.15 -16.51
C ASP A 169 -12.26 -5.44 -17.35
N SER A 170 -11.17 -5.80 -18.03
CA SER A 170 -11.26 -6.86 -19.02
C SER A 170 -11.59 -8.23 -18.41
N ARG A 171 -11.31 -8.38 -17.08
CA ARG A 171 -11.69 -9.70 -16.52
C ARG A 171 -13.19 -9.86 -16.35
N THR A 172 -13.95 -8.82 -16.59
CA THR A 172 -15.39 -8.92 -16.43
C THR A 172 -16.10 -8.99 -17.81
N PHE A 173 -15.32 -8.99 -18.90
CA PHE A 173 -15.93 -9.02 -20.22
C PHE A 173 -16.63 -10.40 -20.36
N THR A 174 -17.85 -10.36 -20.91
CA THR A 174 -18.58 -11.64 -20.95
C THR A 174 -19.59 -11.59 -22.13
N ASN A 175 -19.78 -12.77 -22.74
CA ASN A 175 -20.96 -12.93 -23.59
C ASN A 175 -22.22 -12.73 -22.75
N VAL A 176 -23.28 -12.18 -23.37
CA VAL A 176 -24.49 -11.94 -22.60
C VAL A 176 -25.18 -13.20 -22.20
N TYR A 177 -24.88 -14.29 -22.83
CA TYR A 177 -25.50 -15.55 -22.41
C TYR A 177 -24.83 -16.22 -21.19
N TRP A 178 -23.79 -15.57 -20.60
CA TRP A 178 -23.24 -16.00 -19.29
C TRP A 178 -23.58 -14.86 -18.32
N MET A 179 -24.00 -15.30 -17.13
CA MET A 179 -24.39 -14.26 -16.14
C MET A 179 -24.23 -14.82 -14.76
N LYS A 180 -24.08 -13.86 -13.81
CA LYS A 180 -24.06 -14.30 -12.38
C LYS A 180 -25.45 -14.25 -11.87
N VAL A 181 -25.84 -15.26 -11.10
CA VAL A 181 -27.18 -15.28 -10.60
C VAL A 181 -27.08 -15.50 -9.05
N ASN A 182 -28.18 -15.23 -8.34
CA ASN A 182 -28.33 -15.51 -6.86
C ASN A 182 -28.74 -16.93 -6.59
N ASP A 183 -28.20 -17.53 -5.53
CA ASP A 183 -28.63 -18.89 -5.17
C ASP A 183 -29.86 -18.84 -4.23
N HIS B 1 -16.61 -43.91 -30.03
CA HIS B 1 -17.68 -43.62 -31.04
C HIS B 1 -17.81 -42.11 -31.41
N MET B 2 -19.03 -41.52 -31.33
CA MET B 2 -19.21 -40.02 -31.51
C MET B 2 -19.88 -39.31 -30.29
N SER B 3 -19.35 -38.14 -29.96
CA SER B 3 -19.79 -37.38 -28.79
C SER B 3 -19.69 -35.91 -29.25
N PHE B 4 -20.08 -34.94 -28.41
CA PHE B 4 -19.83 -33.53 -28.77
C PHE B 4 -18.86 -32.94 -27.80
N SER B 5 -18.09 -31.97 -28.29
CA SER B 5 -17.24 -31.19 -27.43
C SER B 5 -17.41 -29.73 -27.79
N HIS B 6 -17.11 -28.83 -26.82
CA HIS B 6 -17.23 -27.44 -27.19
C HIS B 6 -16.11 -26.66 -26.56
N VAL B 7 -15.73 -25.58 -27.19
CA VAL B 7 -14.73 -24.71 -26.59
C VAL B 7 -15.45 -23.62 -25.82
N CYS B 8 -15.20 -23.57 -24.49
CA CYS B 8 -15.89 -22.60 -23.64
C CYS B 8 -15.62 -21.15 -24.06
N GLN B 9 -16.67 -20.30 -23.99
CA GLN B 9 -16.55 -18.93 -24.49
C GLN B 9 -16.46 -17.97 -23.30
N VAL B 10 -15.91 -16.78 -23.59
CA VAL B 10 -15.67 -15.83 -22.49
C VAL B 10 -16.98 -15.40 -21.81
N GLY B 11 -16.84 -15.48 -20.46
CA GLY B 11 -18.02 -15.36 -19.58
C GLY B 11 -18.06 -16.62 -18.70
N ASP B 12 -17.61 -17.74 -19.26
CA ASP B 12 -17.53 -18.97 -18.47
C ASP B 12 -16.44 -18.77 -17.43
N PRO B 13 -16.78 -18.85 -16.13
CA PRO B 13 -15.72 -18.62 -15.11
C PRO B 13 -14.54 -19.58 -15.14
N VAL B 14 -14.66 -20.71 -15.77
CA VAL B 14 -13.54 -21.65 -15.86
C VAL B 14 -12.38 -20.99 -16.55
N LEU B 15 -12.68 -20.05 -17.45
CA LEU B 15 -11.56 -19.42 -18.24
C LEU B 15 -10.77 -18.42 -17.44
N ARG B 16 -11.35 -18.02 -16.28
CA ARG B 16 -10.68 -17.01 -15.46
C ARG B 16 -10.13 -17.58 -14.16
N GLY B 17 -10.28 -18.88 -13.96
CA GLY B 17 -9.72 -19.54 -12.77
C GLY B 17 -8.26 -19.86 -12.99
N VAL B 18 -7.61 -20.30 -11.90
CA VAL B 18 -6.18 -20.73 -12.18
C VAL B 18 -6.19 -22.26 -12.14
N ALA B 19 -5.81 -22.89 -13.22
CA ALA B 19 -5.95 -24.34 -13.28
C ALA B 19 -5.08 -25.02 -12.22
N ALA B 20 -5.60 -26.09 -11.72
CA ALA B 20 -4.88 -26.94 -10.71
C ALA B 20 -3.91 -27.88 -11.36
N PRO B 21 -2.85 -28.21 -10.59
CA PRO B 21 -1.89 -29.16 -11.19
C PRO B 21 -2.44 -30.56 -11.26
N VAL B 22 -1.91 -31.32 -12.21
CA VAL B 22 -2.22 -32.79 -12.31
C VAL B 22 -1.34 -33.45 -11.22
N GLU B 23 -1.96 -34.19 -10.39
CA GLU B 23 -1.17 -34.86 -9.27
C GLU B 23 -0.30 -36.02 -9.84
N ARG B 24 0.78 -36.35 -9.12
CA ARG B 24 1.82 -37.28 -9.64
C ARG B 24 1.17 -38.63 -9.95
N ALA B 25 0.19 -39.00 -9.10
CA ALA B 25 -0.57 -40.23 -9.15
C ALA B 25 -1.32 -40.37 -10.48
N GLN B 26 -1.58 -39.24 -11.16
CA GLN B 26 -2.41 -39.27 -12.34
C GLN B 26 -1.61 -39.36 -13.61
N LEU B 27 -0.31 -39.11 -13.55
CA LEU B 27 0.51 -39.13 -14.75
C LEU B 27 0.51 -40.51 -15.35
N GLY B 28 0.46 -40.60 -16.65
CA GLY B 28 0.39 -41.91 -17.29
C GLY B 28 -0.96 -42.61 -17.17
N GLY B 29 -1.90 -42.05 -16.39
CA GLY B 29 -3.27 -42.63 -16.09
C GLY B 29 -4.38 -42.51 -17.18
N PRO B 30 -5.47 -43.34 -17.11
CA PRO B 30 -6.47 -43.31 -18.21
C PRO B 30 -7.30 -42.01 -18.27
N GLU B 31 -7.65 -41.43 -17.10
CA GLU B 31 -8.37 -40.15 -17.09
C GLU B 31 -7.53 -39.02 -17.77
N LEU B 32 -6.23 -38.94 -17.44
CA LEU B 32 -5.39 -37.93 -18.11
C LEU B 32 -5.35 -38.25 -19.60
N GLN B 33 -5.35 -39.54 -19.93
CA GLN B 33 -5.24 -39.87 -21.33
C GLN B 33 -6.47 -39.48 -22.12
N ARG B 34 -7.62 -39.61 -21.51
CA ARG B 34 -8.84 -39.14 -22.12
C ARG B 34 -8.79 -37.66 -22.40
N LEU B 35 -8.33 -36.94 -21.40
CA LEU B 35 -8.29 -35.43 -21.54
C LEU B 35 -7.32 -35.04 -22.66
N THR B 36 -6.08 -35.63 -22.64
CA THR B 36 -5.12 -35.19 -23.63
C THR B 36 -5.62 -35.57 -25.04
N GLN B 37 -6.24 -36.73 -25.16
CA GLN B 37 -6.76 -37.14 -26.51
C GLN B 37 -7.84 -36.21 -26.97
N ARG B 38 -8.69 -35.79 -26.05
CA ARG B 38 -9.78 -34.89 -26.43
C ARG B 38 -9.25 -33.50 -26.80
N LEU B 39 -8.27 -32.99 -26.02
CA LEU B 39 -7.71 -31.69 -26.29
C LEU B 39 -7.07 -31.72 -27.64
N VAL B 40 -6.27 -32.78 -27.96
CA VAL B 40 -5.66 -32.73 -29.29
C VAL B 40 -6.67 -32.90 -30.44
N GLN B 41 -7.70 -33.74 -30.18
CA GLN B 41 -8.71 -33.87 -31.24
C GLN B 41 -9.44 -32.53 -31.55
N VAL B 42 -9.81 -31.78 -30.48
CA VAL B 42 -10.49 -30.52 -30.70
C VAL B 42 -9.60 -29.52 -31.36
N MET B 43 -8.35 -29.47 -30.89
CA MET B 43 -7.37 -28.57 -31.52
C MET B 43 -7.25 -28.86 -33.01
N ARG B 44 -7.15 -30.13 -33.37
CA ARG B 44 -6.95 -30.46 -34.79
C ARG B 44 -8.22 -30.21 -35.60
N ARG B 45 -9.39 -30.47 -34.99
CA ARG B 45 -10.61 -30.17 -35.75
C ARG B 45 -10.81 -28.73 -36.02
N ARG B 46 -10.45 -27.84 -35.07
CA ARG B 46 -10.62 -26.45 -35.28
C ARG B 46 -9.49 -25.80 -36.03
N ARG B 47 -8.46 -26.58 -36.34
CA ARG B 47 -7.21 -26.05 -36.97
C ARG B 47 -6.57 -24.90 -36.20
N CYS B 48 -6.64 -24.97 -34.89
CA CYS B 48 -5.99 -23.91 -34.07
C CYS B 48 -4.63 -24.53 -33.64
N VAL B 49 -3.71 -23.68 -33.28
CA VAL B 49 -2.35 -24.18 -33.07
C VAL B 49 -2.06 -24.54 -31.64
N GLY B 50 -3.00 -24.21 -30.75
CA GLY B 50 -2.80 -24.47 -29.31
C GLY B 50 -4.16 -24.57 -28.67
N LEU B 51 -4.26 -25.30 -27.56
CA LEU B 51 -5.54 -25.40 -26.80
C LEU B 51 -5.22 -25.83 -25.38
N SER B 52 -6.02 -25.32 -24.46
CA SER B 52 -5.72 -25.67 -23.02
C SER B 52 -6.93 -26.35 -22.39
N ALA B 53 -6.69 -27.18 -21.38
CA ALA B 53 -7.81 -27.88 -20.77
C ALA B 53 -8.97 -26.99 -20.18
N PRO B 54 -8.66 -25.79 -19.63
CA PRO B 54 -9.79 -24.96 -19.17
C PRO B 54 -10.71 -24.61 -20.29
N GLN B 55 -10.20 -24.53 -21.50
CA GLN B 55 -11.12 -24.23 -22.63
C GLN B 55 -12.04 -25.35 -22.99
N LEU B 56 -11.79 -26.57 -22.45
CA LEU B 56 -12.77 -27.66 -22.56
C LEU B 56 -13.52 -27.86 -21.29
N GLY B 57 -13.41 -26.90 -20.40
CA GLY B 57 -14.18 -27.00 -19.17
C GLY B 57 -13.47 -27.71 -18.04
N VAL B 58 -12.19 -27.98 -18.24
CA VAL B 58 -11.44 -28.84 -17.23
C VAL B 58 -10.30 -27.97 -16.60
N PRO B 59 -10.43 -27.66 -15.29
CA PRO B 59 -9.55 -26.65 -14.68
C PRO B 59 -8.25 -27.30 -14.18
N ARG B 60 -7.50 -27.83 -15.13
CA ARG B 60 -6.26 -28.64 -14.88
C ARG B 60 -5.15 -28.10 -15.77
N GLN B 61 -3.90 -28.19 -15.27
CA GLN B 61 -2.76 -27.64 -16.00
C GLN B 61 -2.29 -28.57 -17.13
N VAL B 62 -3.01 -28.53 -18.27
CA VAL B 62 -2.70 -29.38 -19.40
C VAL B 62 -2.97 -28.53 -20.65
N LEU B 63 -2.00 -28.52 -21.57
CA LEU B 63 -2.21 -27.76 -22.83
C LEU B 63 -1.56 -28.57 -23.95
N ALA B 64 -1.98 -28.26 -25.17
CA ALA B 64 -1.40 -28.94 -26.35
C ALA B 64 -1.10 -27.86 -27.37
N LEU B 65 -0.06 -28.13 -28.22
CA LEU B 65 0.46 -27.13 -29.18
C LEU B 65 0.81 -27.95 -30.43
N GLU B 66 0.43 -27.47 -31.62
CA GLU B 66 0.90 -28.16 -32.81
C GLU B 66 0.72 -27.23 -34.02
N LEU B 67 1.73 -27.17 -34.88
CA LEU B 67 1.60 -26.33 -36.07
C LEU B 67 2.10 -27.16 -37.26
N PRO B 68 1.15 -27.81 -37.89
CA PRO B 68 1.48 -28.63 -39.12
C PRO B 68 1.94 -27.73 -40.24
N GLU B 69 2.77 -28.30 -41.14
CA GLU B 69 3.27 -27.52 -42.28
C GLU B 69 2.17 -26.92 -43.18
N ALA B 70 1.10 -27.69 -43.42
CA ALA B 70 0.02 -27.23 -44.36
C ALA B 70 -0.64 -26.05 -43.77
N LEU B 71 -1.00 -26.21 -42.47
CA LEU B 71 -1.59 -25.11 -41.78
C LEU B 71 -0.69 -23.92 -41.86
N CYS B 72 0.59 -24.17 -41.67
CA CYS B 72 1.53 -23.11 -41.70
C CYS B 72 1.72 -22.47 -43.11
N ARG B 73 1.66 -23.24 -44.19
CA ARG B 73 1.74 -22.66 -45.56
C ARG B 73 0.49 -21.88 -46.05
N GLU B 74 -0.57 -21.93 -45.26
CA GLU B 74 -1.78 -21.20 -45.54
C GLU B 74 -1.46 -19.71 -45.37
N CYS B 75 -0.44 -19.38 -44.56
CA CYS B 75 -0.01 -17.99 -44.41
C CYS B 75 0.96 -17.67 -45.50
N PRO B 76 0.76 -16.57 -46.23
CA PRO B 76 1.71 -16.19 -47.32
C PRO B 76 3.18 -15.98 -46.89
N PRO B 77 4.13 -16.15 -47.81
CA PRO B 77 5.54 -16.28 -47.34
C PRO B 77 6.10 -15.07 -46.60
N ARG B 78 5.72 -13.88 -47.07
CA ARG B 78 6.19 -12.63 -46.57
C ARG B 78 5.67 -12.42 -45.11
N GLN B 79 4.38 -12.74 -44.88
CA GLN B 79 3.83 -12.72 -43.51
C GLN B 79 4.45 -13.82 -42.61
N ARG B 80 4.69 -15.04 -43.12
CA ARG B 80 5.32 -16.07 -42.28
C ARG B 80 6.70 -15.64 -41.88
N ALA B 81 7.41 -15.02 -42.83
CA ALA B 81 8.75 -14.57 -42.49
C ALA B 81 8.67 -13.45 -41.39
N LEU B 82 7.71 -12.53 -41.53
CA LEU B 82 7.66 -11.38 -40.63
C LEU B 82 7.36 -11.90 -39.22
N ARG B 83 6.45 -12.87 -39.20
CA ARG B 83 6.01 -13.45 -37.94
C ARG B 83 6.92 -14.54 -37.39
N GLN B 84 7.95 -14.97 -38.16
CA GLN B 84 8.79 -16.07 -37.77
C GLN B 84 7.95 -17.32 -37.48
N MET B 85 7.11 -17.67 -38.43
CA MET B 85 6.13 -18.74 -38.26
C MET B 85 6.65 -19.96 -38.98
N GLU B 86 6.93 -20.98 -38.20
CA GLU B 86 7.49 -22.27 -38.67
C GLU B 86 6.74 -23.40 -38.08
N PRO B 87 6.72 -24.49 -38.78
CA PRO B 87 5.88 -25.60 -38.31
C PRO B 87 6.58 -26.21 -37.10
N PHE B 88 5.80 -26.93 -36.30
CA PHE B 88 6.36 -27.65 -35.14
C PHE B 88 5.49 -28.82 -34.80
N PRO B 89 6.03 -29.94 -34.32
CA PRO B 89 5.26 -31.14 -33.99
C PRO B 89 4.47 -30.98 -32.71
N LEU B 90 3.51 -31.85 -32.56
CA LEU B 90 2.62 -31.86 -31.38
C LEU B 90 3.39 -31.99 -30.08
N ARG B 91 3.08 -31.10 -29.12
CA ARG B 91 3.55 -31.32 -27.77
C ARG B 91 2.34 -31.20 -26.86
N VAL B 92 2.23 -32.13 -25.91
CA VAL B 92 1.21 -31.96 -24.86
C VAL B 92 2.02 -31.75 -23.57
N PHE B 93 1.74 -30.66 -22.83
CA PHE B 93 2.44 -30.40 -21.55
C PHE B 93 1.53 -30.55 -20.40
N VAL B 94 2.03 -31.11 -19.33
CA VAL B 94 1.28 -31.24 -18.08
C VAL B 94 2.12 -30.49 -17.04
N ASN B 95 1.43 -29.68 -16.21
CA ASN B 95 2.04 -28.83 -15.24
C ASN B 95 3.27 -28.02 -15.74
N PRO B 96 3.12 -27.32 -16.85
CA PRO B 96 4.21 -26.53 -17.38
C PRO B 96 4.55 -25.29 -16.66
N SER B 97 5.82 -24.86 -16.77
CA SER B 97 6.19 -23.54 -16.33
C SER B 97 6.87 -22.80 -17.46
N LEU B 98 6.84 -21.49 -17.41
CA LEU B 98 7.44 -20.68 -18.49
C LEU B 98 8.56 -19.79 -17.95
N ARG B 99 9.65 -19.68 -18.73
CA ARG B 99 10.70 -18.77 -18.43
C ARG B 99 10.94 -17.90 -19.67
N VAL B 100 11.09 -16.60 -19.49
CA VAL B 100 11.32 -15.72 -20.66
C VAL B 100 12.81 -15.68 -20.94
N LEU B 101 13.19 -15.99 -22.17
CA LEU B 101 14.62 -15.95 -22.55
C LEU B 101 14.98 -14.69 -23.31
N ASP B 102 14.02 -14.04 -24.00
CA ASP B 102 14.31 -12.82 -24.70
C ASP B 102 13.05 -11.95 -24.53
N SER B 103 13.19 -10.85 -23.78
CA SER B 103 12.01 -10.12 -23.36
C SER B 103 11.68 -9.02 -24.36
N ARG B 104 12.36 -8.99 -25.49
CA ARG B 104 11.95 -8.03 -26.54
C ARG B 104 10.51 -8.28 -26.90
N LEU B 105 9.72 -7.20 -27.03
CA LEU B 105 8.31 -7.40 -27.36
C LEU B 105 7.98 -7.29 -28.84
N VAL B 106 7.13 -8.23 -29.30
CA VAL B 106 6.80 -8.31 -30.67
C VAL B 106 5.26 -8.21 -30.73
N THR B 107 4.71 -7.38 -31.64
CA THR B 107 3.20 -7.26 -31.57
C THR B 107 2.63 -7.68 -32.89
N PHE B 108 1.63 -8.63 -32.86
CA PHE B 108 0.89 -8.97 -34.07
C PHE B 108 -0.52 -9.33 -33.62
N PRO B 109 -1.46 -9.37 -34.58
CA PRO B 109 -2.82 -9.75 -34.21
C PRO B 109 -2.88 -11.21 -33.82
N GLU B 110 -3.71 -11.50 -32.80
CA GLU B 110 -3.90 -12.82 -32.28
C GLU B 110 -5.40 -12.96 -32.06
N GLY B 111 -5.90 -14.23 -32.10
CA GLY B 111 -7.31 -14.48 -31.79
C GLY B 111 -7.37 -15.60 -30.75
N CYS B 112 -8.55 -15.91 -30.26
CA CYS B 112 -8.59 -17.07 -29.27
C CYS B 112 -9.87 -17.82 -29.60
N GLU B 113 -9.81 -19.13 -29.54
CA GLU B 113 -11.05 -19.95 -29.81
C GLU B 113 -12.11 -19.70 -28.72
N SER B 114 -11.74 -19.17 -27.56
CA SER B 114 -12.74 -18.88 -26.52
C SER B 114 -13.25 -17.44 -26.61
N VAL B 115 -12.79 -16.70 -27.62
CA VAL B 115 -13.42 -15.37 -27.92
C VAL B 115 -13.70 -15.37 -29.45
N ALA B 116 -14.52 -16.34 -29.88
CA ALA B 116 -14.73 -16.68 -31.26
C ALA B 116 -15.09 -15.46 -32.14
N GLY B 117 -14.24 -15.28 -33.16
CA GLY B 117 -14.65 -14.25 -34.16
C GLY B 117 -13.93 -12.93 -34.08
N PHE B 118 -12.95 -12.80 -33.21
CA PHE B 118 -12.26 -11.50 -33.02
C PHE B 118 -10.76 -11.66 -33.09
N LEU B 119 -10.06 -10.57 -33.40
CA LEU B 119 -8.60 -10.53 -33.38
C LEU B 119 -8.21 -9.25 -32.69
N ALA B 120 -7.00 -9.21 -32.10
CA ALA B 120 -6.46 -7.92 -31.71
C ALA B 120 -4.94 -8.08 -31.63
N CYS B 121 -4.26 -6.95 -31.75
CA CYS B 121 -2.78 -6.96 -31.56
C CYS B 121 -2.41 -7.20 -30.10
N VAL B 122 -1.42 -8.03 -29.87
CA VAL B 122 -1.01 -8.33 -28.50
C VAL B 122 0.55 -8.38 -28.48
N PRO B 123 1.17 -7.65 -27.57
CA PRO B 123 2.62 -7.77 -27.48
C PRO B 123 2.97 -9.09 -26.78
N ARG B 124 4.01 -9.74 -27.29
CA ARG B 124 4.42 -11.03 -26.65
C ARG B 124 5.94 -11.00 -26.64
N PHE B 125 6.49 -11.80 -25.71
CA PHE B 125 8.00 -11.86 -25.71
C PHE B 125 8.50 -12.62 -26.95
N GLN B 126 9.69 -12.21 -27.41
CA GLN B 126 10.29 -12.85 -28.60
C GLN B 126 10.74 -14.34 -28.35
N ALA B 127 11.19 -14.71 -27.15
CA ALA B 127 11.65 -16.13 -26.93
C ALA B 127 11.39 -16.55 -25.53
N VAL B 128 10.90 -17.80 -25.40
CA VAL B 128 10.58 -18.33 -24.08
C VAL B 128 10.98 -19.79 -24.01
N GLN B 129 11.01 -20.30 -22.79
CA GLN B 129 11.26 -21.74 -22.58
C GLN B 129 10.01 -22.32 -21.88
N ILE B 130 9.39 -23.35 -22.43
CA ILE B 130 8.32 -24.06 -21.63
C ILE B 130 8.88 -25.36 -21.18
N SER B 131 8.73 -25.60 -19.86
CA SER B 131 9.20 -26.85 -19.30
C SER B 131 8.02 -27.56 -18.66
N GLY B 132 7.86 -28.82 -18.88
CA GLY B 132 6.80 -29.53 -18.19
C GLY B 132 6.89 -31.02 -18.37
N LEU B 133 5.85 -31.74 -18.05
CA LEU B 133 5.88 -33.19 -18.24
C LEU B 133 5.12 -33.55 -19.47
N ASP B 134 5.55 -34.57 -20.21
CA ASP B 134 4.69 -35.14 -21.20
C ASP B 134 3.66 -36.02 -20.43
N PRO B 135 2.59 -36.43 -21.08
CA PRO B 135 1.47 -37.09 -20.29
C PRO B 135 2.01 -38.31 -19.48
N ASN B 136 3.17 -38.76 -19.89
CA ASN B 136 3.86 -39.91 -19.18
C ASN B 136 4.76 -39.58 -18.03
N GLY B 137 4.93 -38.30 -17.78
CA GLY B 137 5.74 -37.89 -16.67
C GLY B 137 7.15 -37.62 -17.12
N GLU B 138 7.47 -37.77 -18.41
CA GLU B 138 8.86 -37.43 -18.79
C GLU B 138 9.04 -35.90 -18.84
N GLN B 139 10.19 -35.41 -18.39
CA GLN B 139 10.49 -33.93 -18.39
C GLN B 139 10.84 -33.48 -19.77
N VAL B 140 10.13 -32.46 -20.31
CA VAL B 140 10.41 -31.98 -21.64
C VAL B 140 10.55 -30.44 -21.54
N VAL B 141 11.61 -29.89 -22.15
CA VAL B 141 11.83 -28.44 -22.16
C VAL B 141 11.95 -28.03 -23.61
N TRP B 142 11.14 -27.08 -24.02
CA TRP B 142 11.13 -26.60 -25.41
C TRP B 142 11.44 -25.11 -25.37
N GLN B 143 12.55 -24.70 -26.02
CA GLN B 143 12.88 -23.34 -26.24
C GLN B 143 12.38 -22.90 -27.61
N ALA B 144 11.51 -21.86 -27.59
CA ALA B 144 10.90 -21.38 -28.83
C ALA B 144 11.00 -19.85 -29.00
N SER B 145 11.01 -19.39 -30.25
CA SER B 145 11.05 -17.97 -30.50
C SER B 145 9.99 -17.61 -31.53
N GLY B 146 9.69 -16.31 -31.69
CA GLY B 146 8.82 -15.93 -32.78
C GLY B 146 7.44 -16.50 -32.56
N TRP B 147 6.77 -16.88 -33.66
CA TRP B 147 5.37 -17.25 -33.52
C TRP B 147 5.13 -18.40 -32.58
N ALA B 148 6.04 -19.37 -32.53
CA ALA B 148 5.79 -20.51 -31.58
C ALA B 148 5.86 -19.97 -30.11
N ALA B 149 6.75 -19.04 -29.83
CA ALA B 149 6.80 -18.45 -28.48
C ALA B 149 5.47 -17.73 -28.15
N ARG B 150 4.88 -17.12 -29.15
CA ARG B 150 3.58 -16.46 -28.94
C ARG B 150 2.49 -17.43 -28.62
N ILE B 151 2.43 -18.52 -29.37
CA ILE B 151 1.40 -19.60 -29.07
C ILE B 151 1.60 -20.12 -27.68
N ILE B 152 2.87 -20.41 -27.32
CA ILE B 152 3.15 -20.90 -25.97
C ILE B 152 2.63 -19.90 -24.90
N GLN B 153 2.93 -18.64 -25.09
CA GLN B 153 2.54 -17.63 -24.07
C GLN B 153 0.98 -17.55 -24.01
N HIS B 154 0.31 -17.60 -25.18
CA HIS B 154 -1.14 -17.54 -25.16
C HIS B 154 -1.68 -18.74 -24.37
N GLU B 155 -1.18 -19.95 -24.61
CA GLU B 155 -1.74 -21.15 -23.91
C GLU B 155 -1.41 -21.15 -22.45
N MET B 156 -0.18 -20.74 -22.08
CA MET B 156 0.16 -20.64 -20.69
C MET B 156 -0.72 -19.62 -19.99
N ASP B 157 -1.03 -18.48 -20.64
CA ASP B 157 -1.91 -17.51 -19.98
C ASP B 157 -3.28 -18.15 -19.69
N HIS B 158 -3.81 -19.02 -20.59
CA HIS B 158 -5.07 -19.73 -20.27
C HIS B 158 -5.02 -20.49 -18.96
N LEU B 159 -3.85 -21.08 -18.66
CA LEU B 159 -3.78 -21.84 -17.39
C LEU B 159 -3.75 -20.95 -16.17
N GLN B 160 -3.48 -19.63 -16.40
CA GLN B 160 -3.47 -18.67 -15.28
C GLN B 160 -4.80 -17.89 -15.24
N GLY B 161 -5.74 -18.21 -16.13
CA GLY B 161 -7.06 -17.47 -16.11
C GLY B 161 -6.96 -16.19 -16.88
N CYS B 162 -5.96 -16.04 -17.75
CA CYS B 162 -5.72 -14.79 -18.50
C CYS B 162 -6.12 -15.04 -19.97
N LEU B 163 -6.85 -14.07 -20.54
CA LEU B 163 -7.19 -14.17 -21.94
C LEU B 163 -6.48 -12.98 -22.66
N PHE B 164 -6.40 -13.09 -24.00
CA PHE B 164 -5.62 -12.11 -24.73
C PHE B 164 -6.25 -10.70 -24.65
N ILE B 165 -7.56 -10.60 -24.47
CA ILE B 165 -8.22 -9.30 -24.26
C ILE B 165 -7.72 -8.57 -23.00
N ASP B 166 -7.05 -9.28 -22.12
CA ASP B 166 -6.45 -8.61 -20.95
C ASP B 166 -5.13 -7.89 -21.31
N LYS B 167 -4.55 -8.22 -22.43
CA LYS B 167 -3.20 -7.79 -22.75
C LYS B 167 -3.18 -7.04 -24.10
N MET B 168 -4.32 -6.99 -24.76
CA MET B 168 -4.34 -6.43 -26.17
C MET B 168 -4.24 -4.89 -26.21
N ASP B 169 -3.86 -4.42 -27.41
CA ASP B 169 -4.04 -2.98 -27.76
C ASP B 169 -5.55 -2.96 -28.15
N SER B 170 -6.39 -2.40 -27.29
CA SER B 170 -7.82 -2.54 -27.46
C SER B 170 -8.29 -1.74 -28.72
N ARG B 171 -7.52 -0.77 -29.17
CA ARG B 171 -7.96 0.00 -30.37
C ARG B 171 -7.74 -0.84 -31.65
N THR B 172 -7.11 -2.00 -31.50
CA THR B 172 -6.95 -2.89 -32.68
C THR B 172 -7.94 -4.11 -32.65
N PHE B 173 -8.79 -4.19 -31.63
CA PHE B 173 -9.80 -5.29 -31.55
C PHE B 173 -10.76 -5.18 -32.73
N THR B 174 -11.01 -6.31 -33.38
CA THR B 174 -11.84 -6.26 -34.59
C THR B 174 -12.56 -7.55 -34.73
N ASN B 175 -13.82 -7.46 -35.26
CA ASN B 175 -14.43 -8.67 -35.84
C ASN B 175 -13.54 -9.14 -37.01
N VAL B 176 -13.54 -10.47 -37.25
CA VAL B 176 -12.67 -11.01 -38.32
C VAL B 176 -13.17 -10.62 -39.72
N TYR B 177 -14.43 -10.20 -39.83
CA TYR B 177 -14.96 -9.81 -41.12
C TYR B 177 -14.59 -8.34 -41.52
N TRP B 178 -13.79 -7.68 -40.65
CA TRP B 178 -13.17 -6.38 -41.03
C TRP B 178 -11.64 -6.63 -41.10
N MET B 179 -11.04 -6.08 -42.13
CA MET B 179 -9.61 -6.29 -42.29
C MET B 179 -8.99 -5.12 -43.01
N LYS B 180 -7.69 -4.91 -42.69
CA LYS B 180 -6.88 -3.94 -43.45
C LYS B 180 -6.34 -4.60 -44.66
N VAL B 181 -6.38 -3.93 -45.79
CA VAL B 181 -5.94 -4.55 -47.00
C VAL B 181 -5.01 -3.56 -47.74
N ASN B 182 -4.16 -4.09 -48.62
CA ASN B 182 -3.32 -3.28 -49.52
C ASN B 182 -4.06 -2.80 -50.73
N ASP B 183 -3.86 -1.54 -51.11
CA ASP B 183 -4.37 -1.08 -52.39
C ASP B 183 -3.40 -1.45 -53.55
N HIS C 1 28.92 -23.74 11.50
CA HIS C 1 28.66 -23.39 12.94
C HIS C 1 28.45 -21.86 13.13
N MET C 2 27.24 -21.37 12.78
CA MET C 2 26.76 -19.97 13.09
C MET C 2 26.68 -19.66 14.61
N SER C 3 26.61 -18.37 14.96
CA SER C 3 26.76 -17.96 16.35
C SER C 3 25.73 -16.84 16.64
N PHE C 4 25.46 -16.52 17.89
CA PHE C 4 24.48 -15.39 18.10
C PHE C 4 25.19 -14.11 18.51
N SER C 5 24.66 -12.95 18.06
CA SER C 5 25.18 -11.67 18.56
C SER C 5 23.98 -10.88 19.02
N HIS C 6 24.22 -9.97 19.95
CA HIS C 6 23.10 -9.10 20.34
C HIS C 6 23.51 -7.67 20.50
N VAL C 7 22.61 -6.77 20.16
CA VAL C 7 22.94 -5.38 20.37
C VAL C 7 22.47 -5.01 21.79
N CYS C 8 23.42 -4.57 22.62
CA CYS C 8 23.08 -4.22 24.03
C CYS C 8 22.04 -3.06 24.12
N GLN C 9 21.13 -3.13 25.14
CA GLN C 9 20.06 -2.12 25.24
C GLN C 9 20.30 -1.24 26.45
N VAL C 10 19.69 -0.08 26.38
CA VAL C 10 19.90 0.96 27.40
C VAL C 10 19.55 0.40 28.76
N GLY C 11 20.49 0.64 29.69
CA GLY C 11 20.45 -0.01 31.03
C GLY C 11 21.78 -0.75 31.20
N ASP C 12 22.30 -1.31 30.08
CA ASP C 12 23.58 -2.01 30.19
C ASP C 12 24.64 -0.95 30.41
N PRO C 13 25.47 -1.03 31.47
CA PRO C 13 26.40 0.00 31.72
C PRO C 13 27.50 0.14 30.67
N VAL C 14 27.70 -0.88 29.86
CA VAL C 14 28.76 -0.78 28.81
C VAL C 14 28.41 0.39 27.88
N LEU C 15 27.11 0.76 27.76
CA LEU C 15 26.79 1.85 26.77
C LEU C 15 27.04 3.17 27.37
N ARG C 16 27.34 3.24 28.70
CA ARG C 16 27.51 4.61 29.29
C ARG C 16 28.96 4.84 29.73
N GLY C 17 29.77 3.80 29.59
CA GLY C 17 31.22 4.03 29.90
C GLY C 17 32.01 4.65 28.77
N VAL C 18 33.28 4.96 29.07
CA VAL C 18 34.14 5.58 28.01
C VAL C 18 34.97 4.45 27.46
N ALA C 19 34.77 4.09 26.19
CA ALA C 19 35.47 2.94 25.65
C ALA C 19 37.00 3.14 25.73
N ALA C 20 37.69 2.05 25.98
CA ALA C 20 39.13 2.06 25.97
C ALA C 20 39.76 2.04 24.60
N PRO C 21 40.96 2.65 24.46
CA PRO C 21 41.61 2.58 23.17
C PRO C 21 42.07 1.18 22.86
N VAL C 22 42.18 0.89 21.58
CA VAL C 22 42.76 -0.35 21.10
C VAL C 22 44.28 -0.16 21.18
N GLU C 23 45.00 -1.18 21.64
CA GLU C 23 46.48 -1.01 21.80
C GLU C 23 47.18 -1.29 20.50
N ARG C 24 48.30 -0.61 20.24
CA ARG C 24 49.08 -0.83 18.98
C ARG C 24 49.31 -2.31 18.64
N ALA C 25 49.68 -3.11 19.63
CA ALA C 25 50.00 -4.50 19.38
C ALA C 25 48.79 -5.31 18.92
N GLN C 26 47.57 -4.78 19.06
CA GLN C 26 46.34 -5.49 18.61
C GLN C 26 45.97 -5.13 17.15
N LEU C 27 46.56 -4.07 16.65
CA LEU C 27 46.21 -3.57 15.32
C LEU C 27 46.57 -4.60 14.27
N GLY C 28 45.65 -4.90 13.36
CA GLY C 28 45.87 -5.90 12.30
C GLY C 28 45.80 -7.35 12.80
N GLY C 29 45.64 -7.55 14.13
CA GLY C 29 45.56 -8.87 14.78
C GLY C 29 44.22 -9.58 14.60
N PRO C 30 44.19 -10.91 14.84
CA PRO C 30 42.98 -11.72 14.69
C PRO C 30 41.78 -11.24 15.51
N GLU C 31 42.00 -10.91 16.78
CA GLU C 31 40.91 -10.55 17.69
C GLU C 31 40.20 -9.26 17.23
N LEU C 32 40.97 -8.26 16.80
CA LEU C 32 40.38 -7.03 16.28
C LEU C 32 39.69 -7.31 14.95
N GLN C 33 40.28 -8.17 14.11
CA GLN C 33 39.61 -8.56 12.90
C GLN C 33 38.23 -9.26 13.12
N ARG C 34 38.14 -10.13 14.10
CA ARG C 34 36.87 -10.76 14.42
C ARG C 34 35.85 -9.69 14.92
N LEU C 35 36.33 -8.72 15.67
CA LEU C 35 35.41 -7.72 16.24
C LEU C 35 34.90 -6.85 15.07
N THR C 36 35.81 -6.39 14.18
CA THR C 36 35.35 -5.54 13.04
C THR C 36 34.42 -6.32 12.09
N GLN C 37 34.73 -7.58 11.84
CA GLN C 37 33.87 -8.39 10.99
C GLN C 37 32.48 -8.53 11.62
N ARG C 38 32.41 -8.72 12.92
CA ARG C 38 31.12 -8.86 13.62
C ARG C 38 30.31 -7.54 13.62
N LEU C 39 31.00 -6.42 13.90
CA LEU C 39 30.32 -5.14 13.83
C LEU C 39 29.68 -4.92 12.48
N VAL C 40 30.47 -5.14 11.41
CA VAL C 40 29.94 -4.95 10.08
C VAL C 40 28.83 -5.92 9.77
N GLN C 41 28.98 -7.15 10.27
CA GLN C 41 27.93 -8.08 9.96
C GLN C 41 26.59 -7.70 10.65
N VAL C 42 26.67 -7.25 11.92
CA VAL C 42 25.47 -6.84 12.63
C VAL C 42 24.84 -5.63 12.08
N MET C 43 25.68 -4.68 11.73
CA MET C 43 25.24 -3.45 11.12
C MET C 43 24.49 -3.77 9.87
N ARG C 44 25.05 -4.60 8.98
CA ARG C 44 24.37 -4.91 7.76
C ARG C 44 23.06 -5.75 7.91
N ARG C 45 23.07 -6.70 8.86
CA ARG C 45 21.85 -7.51 9.11
C ARG C 45 20.72 -6.64 9.57
N ARG C 46 21.03 -5.63 10.40
CA ARG C 46 19.99 -4.71 10.89
C ARG C 46 19.67 -3.57 9.98
N ARG C 47 20.39 -3.48 8.88
CA ARG C 47 20.15 -2.41 7.88
C ARG C 47 20.37 -1.03 8.49
N CYS C 48 21.33 -0.92 9.38
CA CYS C 48 21.54 0.39 10.05
C CYS C 48 22.82 0.91 9.41
N VAL C 49 23.16 2.13 9.72
CA VAL C 49 24.21 2.79 8.93
C VAL C 49 25.45 3.08 9.80
N GLY C 50 25.42 2.66 11.05
CA GLY C 50 26.66 2.74 11.87
C GLY C 50 26.45 1.83 13.04
N LEU C 51 27.58 1.40 13.63
CA LEU C 51 27.51 0.57 14.86
C LEU C 51 28.83 0.72 15.57
N SER C 52 28.78 0.59 16.90
CA SER C 52 30.06 0.76 17.67
C SER C 52 30.29 -0.50 18.55
N ALA C 53 31.56 -0.74 18.88
CA ALA C 53 31.87 -1.92 19.69
C ALA C 53 31.14 -2.00 21.03
N PRO C 54 30.96 -0.87 21.75
CA PRO C 54 30.24 -1.00 23.02
C PRO C 54 28.85 -1.59 22.88
N GLN C 55 28.25 -1.41 21.69
CA GLN C 55 26.88 -1.94 21.51
C GLN C 55 26.87 -3.42 21.30
N LEU C 56 28.08 -4.00 20.99
CA LEU C 56 28.17 -5.47 21.01
C LEU C 56 28.78 -5.93 22.34
N GLY C 57 28.86 -5.06 23.34
CA GLY C 57 29.34 -5.42 24.71
C GLY C 57 30.85 -5.31 24.87
N VAL C 58 31.51 -4.67 23.92
CA VAL C 58 32.98 -4.62 23.88
C VAL C 58 33.41 -3.17 24.06
N PRO C 59 33.95 -2.84 25.24
CA PRO C 59 34.18 -1.43 25.57
C PRO C 59 35.51 -0.94 24.99
N ARG C 60 35.55 -0.92 23.64
CA ARG C 60 36.77 -0.53 22.93
C ARG C 60 36.43 0.48 21.85
N GLN C 61 37.41 1.33 21.57
CA GLN C 61 37.12 2.44 20.58
C GLN C 61 37.18 1.89 19.16
N VAL C 62 36.05 1.29 18.73
CA VAL C 62 36.00 0.77 17.33
C VAL C 62 34.56 1.09 16.83
N LEU C 63 34.44 1.59 15.59
CA LEU C 63 33.09 1.77 15.06
C LEU C 63 33.11 1.58 13.59
N ALA C 64 31.96 1.28 13.01
CA ALA C 64 31.87 1.07 11.51
C ALA C 64 30.72 1.94 11.01
N LEU C 65 30.85 2.42 9.77
CA LEU C 65 29.86 3.37 9.22
C LEU C 65 29.70 2.96 7.77
N GLU C 66 28.45 2.88 7.31
CA GLU C 66 28.27 2.62 5.87
C GLU C 66 26.84 3.05 5.48
N LEU C 67 26.69 3.69 4.30
CA LEU C 67 25.36 4.03 3.89
C LEU C 67 25.20 3.63 2.41
N PRO C 68 24.62 2.46 2.17
CA PRO C 68 24.49 2.00 0.75
C PRO C 68 23.46 2.82 0.03
N GLU C 69 23.66 2.91 -1.29
CA GLU C 69 22.75 3.71 -2.06
C GLU C 69 21.28 3.26 -1.97
N ALA C 70 21.03 1.94 -1.85
CA ALA C 70 19.62 1.43 -1.66
C ALA C 70 18.89 2.10 -0.47
N LEU C 71 19.57 2.28 0.69
CA LEU C 71 18.97 2.96 1.81
C LEU C 71 18.70 4.42 1.57
N CYS C 72 19.59 5.18 0.84
CA CYS C 72 19.24 6.55 0.52
C CYS C 72 18.01 6.54 -0.34
N ARG C 73 17.95 5.54 -1.26
CA ARG C 73 16.85 5.56 -2.27
C ARG C 73 15.48 5.16 -1.68
N GLU C 74 15.52 4.49 -0.56
CA GLU C 74 14.31 4.14 0.25
C GLU C 74 13.66 5.43 0.71
N CYS C 75 14.46 6.48 1.04
CA CYS C 75 13.96 7.77 1.48
C CYS C 75 13.40 8.54 0.30
N PRO C 76 12.13 9.02 0.39
CA PRO C 76 11.55 9.89 -0.63
C PRO C 76 12.47 11.07 -1.01
N PRO C 77 12.55 11.37 -2.29
CA PRO C 77 13.52 12.36 -2.77
C PRO C 77 13.53 13.71 -2.04
N ARG C 78 12.35 14.24 -1.70
CA ARG C 78 12.27 15.54 -1.01
C ARG C 78 12.95 15.45 0.40
N GLN C 79 12.65 14.37 1.12
CA GLN C 79 13.17 14.15 2.43
C GLN C 79 14.66 13.84 2.34
N ARG C 80 15.06 13.07 1.35
CA ARG C 80 16.50 12.87 1.09
C ARG C 80 17.26 14.19 0.90
N ALA C 81 16.70 15.09 0.11
CA ALA C 81 17.37 16.33 -0.16
C ALA C 81 17.40 17.24 1.08
N LEU C 82 16.30 17.24 1.86
CA LEU C 82 16.22 18.03 3.12
C LEU C 82 17.32 17.50 4.05
N ARG C 83 17.39 16.17 4.17
CA ARG C 83 18.42 15.62 5.08
C ARG C 83 19.82 15.57 4.53
N GLN C 84 20.03 15.91 3.22
CA GLN C 84 21.36 15.88 2.59
C GLN C 84 21.93 14.50 2.77
N MET C 85 21.15 13.53 2.36
CA MET C 85 21.52 12.12 2.52
C MET C 85 22.16 11.67 1.22
N GLU C 86 23.39 11.20 1.31
CA GLU C 86 24.12 10.69 0.14
C GLU C 86 24.84 9.43 0.55
N PRO C 87 24.99 8.47 -0.34
CA PRO C 87 25.63 7.21 0.09
C PRO C 87 27.07 7.37 0.35
N PHE C 88 27.65 6.45 1.11
CA PHE C 88 29.08 6.43 1.29
C PHE C 88 29.55 5.01 1.63
N PRO C 89 30.77 4.62 1.24
CA PRO C 89 31.27 3.28 1.40
C PRO C 89 31.63 2.94 2.85
N LEU C 90 31.73 1.64 3.09
CA LEU C 90 31.99 1.19 4.45
C LEU C 90 33.40 1.77 4.92
N ARG C 91 33.47 2.25 6.16
CA ARG C 91 34.73 2.58 6.79
C ARG C 91 34.66 2.17 8.27
N VAL C 92 35.77 1.63 8.73
CA VAL C 92 35.90 1.20 10.09
C VAL C 92 36.96 2.00 10.70
N PHE C 93 36.67 2.60 11.88
CA PHE C 93 37.65 3.40 12.52
C PHE C 93 38.01 2.86 13.89
N VAL C 94 39.33 2.92 14.17
CA VAL C 94 39.87 2.48 15.45
C VAL C 94 40.48 3.70 16.13
N ASN C 95 40.21 3.86 17.45
CA ASN C 95 40.67 5.05 18.21
C ASN C 95 40.45 6.39 17.52
N PRO C 96 39.22 6.65 17.09
CA PRO C 96 38.95 7.90 16.37
C PRO C 96 38.79 9.09 17.26
N SER C 97 39.00 10.26 16.65
CA SER C 97 38.66 11.53 17.29
C SER C 97 37.82 12.36 16.33
N LEU C 98 36.99 13.22 16.90
CA LEU C 98 36.09 14.04 16.08
C LEU C 98 36.47 15.51 16.19
N ARG C 99 36.40 16.20 15.04
CA ARG C 99 36.57 17.68 15.05
C ARG C 99 35.35 18.27 14.35
N VAL C 100 34.69 19.22 15.02
CA VAL C 100 33.53 19.89 14.41
C VAL C 100 34.04 20.97 13.42
N LEU C 101 33.53 20.91 12.17
CA LEU C 101 33.96 21.88 11.12
C LEU C 101 32.91 22.95 10.84
N ASP C 102 31.62 22.63 11.01
CA ASP C 102 30.56 23.61 10.89
C ASP C 102 29.62 23.34 12.01
N SER C 103 29.56 24.29 12.95
CA SER C 103 28.80 24.02 14.21
C SER C 103 27.35 24.42 14.11
N ARG C 104 26.88 24.86 12.91
CA ARG C 104 25.47 25.13 12.75
C ARG C 104 24.75 23.80 13.07
N LEU C 105 23.62 23.92 13.78
CA LEU C 105 22.85 22.71 14.18
C LEU C 105 21.69 22.45 13.26
N VAL C 106 21.53 21.16 12.93
CA VAL C 106 20.42 20.75 12.06
C VAL C 106 19.68 19.58 12.85
N THR C 107 18.37 19.69 12.88
CA THR C 107 17.57 18.76 13.73
C THR C 107 16.70 17.89 12.85
N PHE C 108 16.84 16.58 13.04
CA PHE C 108 15.97 15.61 12.34
C PHE C 108 15.79 14.42 13.33
N PRO C 109 14.79 13.52 13.06
CA PRO C 109 14.61 12.34 13.92
C PRO C 109 15.77 11.35 13.68
N GLU C 110 16.19 10.73 14.78
CA GLU C 110 17.09 9.57 14.64
C GLU C 110 16.71 8.58 15.71
N GLY C 111 17.19 7.36 15.51
CA GLY C 111 16.94 6.25 16.48
C GLY C 111 18.26 5.54 16.69
N CYS C 112 18.20 4.61 17.65
CA CYS C 112 19.52 3.90 18.00
C CYS C 112 19.13 2.42 18.16
N GLU C 113 19.98 1.55 17.62
CA GLU C 113 19.75 0.11 17.82
C GLU C 113 19.83 -0.34 19.29
N SER C 114 20.43 0.52 20.16
CA SER C 114 20.42 0.23 21.59
C SER C 114 19.31 0.81 22.41
N VAL C 115 18.35 1.49 21.72
CA VAL C 115 17.13 1.98 22.38
C VAL C 115 16.00 1.57 21.38
N ALA C 116 15.89 0.25 21.21
CA ALA C 116 15.12 -0.35 20.12
C ALA C 116 13.67 0.20 20.16
N GLY C 117 13.28 0.66 18.99
CA GLY C 117 11.82 0.95 18.86
C GLY C 117 11.43 2.37 19.04
N PHE C 118 12.40 3.30 19.16
CA PHE C 118 12.02 4.71 19.43
C PHE C 118 12.79 5.62 18.50
N LEU C 119 12.25 6.81 18.26
CA LEU C 119 12.93 7.87 17.55
C LEU C 119 12.79 9.20 18.34
N ALA C 120 13.70 10.15 18.11
CA ALA C 120 13.40 11.52 18.60
C ALA C 120 14.24 12.43 17.74
N CYS C 121 13.80 13.68 17.69
CA CYS C 121 14.61 14.67 16.95
C CYS C 121 15.86 15.03 17.78
N VAL C 122 17.00 15.16 17.10
CA VAL C 122 18.26 15.46 17.80
C VAL C 122 19.02 16.45 16.94
N PRO C 123 19.43 17.54 17.56
CA PRO C 123 20.27 18.49 16.83
C PRO C 123 21.68 17.98 16.66
N ARG C 124 22.26 18.17 15.47
CA ARG C 124 23.59 17.66 15.18
C ARG C 124 24.32 18.72 14.36
N PHE C 125 25.65 18.71 14.47
CA PHE C 125 26.39 19.70 13.68
C PHE C 125 26.31 19.38 12.21
N GLN C 126 26.29 20.46 11.41
CA GLN C 126 26.29 20.29 9.91
C GLN C 126 27.49 19.59 9.33
N ALA C 127 28.69 19.78 9.84
CA ALA C 127 29.87 19.15 9.25
C ALA C 127 30.94 18.84 10.26
N VAL C 128 31.55 17.67 10.09
CA VAL C 128 32.60 17.20 11.07
C VAL C 128 33.64 16.42 10.32
N GLN C 129 34.74 16.17 10.98
CA GLN C 129 35.69 15.20 10.44
C GLN C 129 36.00 14.20 11.49
N ILE C 130 36.14 12.95 11.06
CA ILE C 130 36.59 11.90 12.02
C ILE C 130 37.96 11.41 11.62
N SER C 131 38.89 11.29 12.59
CA SER C 131 40.28 10.88 12.20
C SER C 131 40.55 9.66 13.07
N GLY C 132 41.20 8.64 12.51
CA GLY C 132 41.52 7.53 13.42
C GLY C 132 42.23 6.52 12.55
N LEU C 133 42.42 5.31 13.04
CA LEU C 133 43.12 4.28 12.27
C LEU C 133 42.16 3.31 11.61
N ASP C 134 42.58 2.72 10.49
CA ASP C 134 41.87 1.47 10.02
C ASP C 134 42.30 0.29 10.86
N PRO C 135 41.57 -0.85 10.76
CA PRO C 135 42.04 -2.00 11.56
C PRO C 135 43.45 -2.50 11.07
N ASN C 136 43.85 -2.16 9.79
CA ASN C 136 45.31 -2.40 9.49
C ASN C 136 46.37 -1.49 10.15
N GLY C 137 45.96 -0.26 10.48
CA GLY C 137 46.79 0.64 11.32
C GLY C 137 47.13 1.90 10.57
N GLU C 138 46.57 2.10 9.39
CA GLU C 138 46.80 3.36 8.72
C GLU C 138 45.86 4.54 9.14
N GLN C 139 46.44 5.70 9.29
CA GLN C 139 45.70 6.88 9.64
C GLN C 139 44.68 7.27 8.49
N VAL C 140 43.46 7.75 8.81
CA VAL C 140 42.62 8.41 7.74
C VAL C 140 41.78 9.46 8.40
N VAL C 141 41.55 10.54 7.70
CA VAL C 141 40.71 11.57 8.11
C VAL C 141 39.59 11.52 7.10
N TRP C 142 38.37 11.42 7.58
CA TRP C 142 37.20 11.46 6.68
C TRP C 142 36.35 12.69 7.07
N GLN C 143 36.09 13.60 6.10
CA GLN C 143 35.35 14.84 6.38
C GLN C 143 33.99 14.66 5.70
N ALA C 144 32.89 15.02 6.39
CA ALA C 144 31.56 14.87 5.74
C ALA C 144 30.59 15.86 6.33
N SER C 145 29.43 16.03 5.68
CA SER C 145 28.44 17.03 6.12
C SER C 145 27.03 16.28 6.08
N GLY C 146 26.05 17.01 6.58
CA GLY C 146 24.66 16.58 6.38
C GLY C 146 24.50 15.22 7.09
N TRP C 147 23.74 14.33 6.44
CA TRP C 147 23.36 13.09 7.12
C TRP C 147 24.55 12.28 7.49
N ALA C 148 25.59 12.20 6.61
CA ALA C 148 26.82 11.43 6.98
C ALA C 148 27.41 12.02 8.29
N ALA C 149 27.48 13.33 8.41
CA ALA C 149 28.01 13.96 9.66
C ALA C 149 27.19 13.57 10.85
N ARG C 150 25.87 13.48 10.70
CA ARG C 150 25.00 12.99 11.79
C ARG C 150 25.31 11.58 12.19
N ILE C 151 25.50 10.68 11.22
CA ILE C 151 25.89 9.32 11.59
C ILE C 151 27.24 9.25 12.33
N ILE C 152 28.24 9.97 11.80
CA ILE C 152 29.54 10.00 12.49
C ILE C 152 29.35 10.45 13.95
N GLN C 153 28.55 11.52 14.16
CA GLN C 153 28.40 12.06 15.55
C GLN C 153 27.68 11.02 16.44
N HIS C 154 26.62 10.40 15.94
CA HIS C 154 25.91 9.41 16.73
C HIS C 154 26.86 8.30 17.14
N GLU C 155 27.67 7.80 16.20
CA GLU C 155 28.54 6.69 16.51
C GLU C 155 29.68 7.08 17.40
N MET C 156 30.26 8.29 17.15
CA MET C 156 31.26 8.77 18.08
C MET C 156 30.75 8.95 19.51
N ASP C 157 29.51 9.41 19.64
CA ASP C 157 28.93 9.61 21.01
C ASP C 157 28.92 8.24 21.73
N HIS C 158 28.66 7.14 21.01
CA HIS C 158 28.64 5.85 21.73
C HIS C 158 30.01 5.54 22.39
N LEU C 159 31.10 6.00 21.78
CA LEU C 159 32.40 5.68 22.37
C LEU C 159 32.68 6.54 23.61
N GLN C 160 31.93 7.61 23.78
CA GLN C 160 32.01 8.39 25.02
C GLN C 160 30.89 8.06 26.00
N GLY C 161 30.13 7.00 25.73
CA GLY C 161 29.09 6.59 26.72
C GLY C 161 27.79 7.44 26.55
N CYS C 162 27.65 8.15 25.40
CA CYS C 162 26.52 9.00 25.22
C CYS C 162 25.53 8.37 24.20
N LEU C 163 24.25 8.48 24.56
CA LEU C 163 23.21 8.00 23.64
C LEU C 163 22.36 9.19 23.22
N PHE C 164 21.56 8.99 22.18
CA PHE C 164 20.90 10.18 21.59
C PHE C 164 19.86 10.70 22.56
N ILE C 165 19.32 9.86 23.43
CA ILE C 165 18.35 10.36 24.49
C ILE C 165 18.95 11.40 25.39
N ASP C 166 20.29 11.55 25.36
CA ASP C 166 20.92 12.53 26.22
C ASP C 166 20.93 13.89 25.54
N LYS C 167 20.64 13.93 24.23
CA LYS C 167 20.76 15.15 23.45
C LYS C 167 19.49 15.53 22.71
N MET C 168 18.49 14.71 22.85
CA MET C 168 17.22 14.89 22.10
C MET C 168 16.35 16.04 22.55
N ASP C 169 15.40 16.42 21.68
CA ASP C 169 14.26 17.22 22.06
C ASP C 169 13.28 16.22 22.58
N SER C 170 13.16 16.16 23.91
CA SER C 170 12.44 15.01 24.50
C SER C 170 10.94 15.06 24.15
N ARG C 171 10.40 16.25 23.74
CA ARG C 171 8.95 16.23 23.42
C ARG C 171 8.66 15.61 22.06
N THR C 172 9.76 15.20 21.39
CA THR C 172 9.57 14.51 20.09
C THR C 172 9.89 13.03 20.17
N PHE C 173 10.20 12.56 21.37
CA PHE C 173 10.45 11.10 21.52
C PHE C 173 9.18 10.35 21.24
N THR C 174 9.34 9.25 20.48
CA THR C 174 8.07 8.54 20.08
C THR C 174 8.39 7.06 19.83
N ASN C 175 7.42 6.19 20.22
CA ASN C 175 7.50 4.81 19.67
C ASN C 175 7.45 4.89 18.10
N VAL C 176 8.13 3.98 17.40
CA VAL C 176 8.16 4.01 15.95
C VAL C 176 6.76 3.70 15.37
N TYR C 177 5.85 3.12 16.16
CA TYR C 177 4.49 2.88 15.60
C TYR C 177 3.56 4.15 15.61
N TRP C 178 4.07 5.25 16.16
CA TRP C 178 3.33 6.54 16.04
C TRP C 178 4.16 7.41 15.10
N MET C 179 3.46 8.07 14.18
CA MET C 179 4.16 8.95 13.20
C MET C 179 3.25 10.05 12.74
N LYS C 180 3.89 11.17 12.36
CA LYS C 180 3.13 12.28 11.71
C LYS C 180 2.96 11.97 10.26
N VAL C 181 1.80 12.28 9.68
CA VAL C 181 1.53 11.91 8.29
C VAL C 181 0.89 13.14 7.60
N ASN C 182 0.98 13.23 6.26
CA ASN C 182 0.42 14.34 5.46
C ASN C 182 -1.06 14.12 5.39
N ASP C 183 -1.89 15.14 5.65
CA ASP C 183 -3.36 14.97 5.66
C ASP C 183 -3.95 14.69 4.28
N HIS D 1 -20.53 -7.95 31.14
CA HIS D 1 -20.22 -6.54 30.69
C HIS D 1 -18.74 -6.13 30.85
N MET D 2 -17.93 -6.55 29.88
CA MET D 2 -16.47 -6.21 29.81
C MET D 2 -16.04 -5.41 28.54
N SER D 3 -15.15 -4.42 28.69
CA SER D 3 -14.64 -3.74 27.49
C SER D 3 -13.10 -3.73 27.55
N PHE D 4 -12.42 -3.08 26.61
CA PHE D 4 -10.94 -3.02 26.67
C PHE D 4 -10.61 -1.56 26.92
N SER D 5 -9.57 -1.33 27.72
CA SER D 5 -9.00 0.00 27.91
C SER D 5 -7.52 -0.08 27.60
N HIS D 6 -6.92 1.03 27.22
CA HIS D 6 -5.56 0.95 26.96
C HIS D 6 -4.84 2.22 27.47
N VAL D 7 -3.60 2.06 27.95
CA VAL D 7 -2.85 3.28 28.35
C VAL D 7 -2.08 3.75 27.15
N CYS D 8 -2.36 4.98 26.71
CA CYS D 8 -1.68 5.54 25.50
C CYS D 8 -0.14 5.58 25.76
N GLN D 9 0.61 5.29 24.69
CA GLN D 9 2.08 5.28 24.80
C GLN D 9 2.70 6.47 24.09
N VAL D 10 3.94 6.80 24.55
CA VAL D 10 4.61 8.01 24.05
C VAL D 10 4.78 7.96 22.54
N GLY D 11 4.38 9.09 21.94
CA GLY D 11 4.17 9.20 20.47
C GLY D 11 2.75 9.64 20.21
N ASP D 12 1.80 9.22 21.07
CA ASP D 12 0.40 9.63 20.89
C ASP D 12 0.34 11.12 21.28
N PRO D 13 -0.07 11.98 20.38
CA PRO D 13 -0.05 13.43 20.72
C PRO D 13 -0.92 13.82 21.91
N VAL D 14 -1.88 12.98 22.25
CA VAL D 14 -2.73 13.31 23.45
C VAL D 14 -1.89 13.48 24.64
N LEU D 15 -0.73 12.80 24.70
CA LEU D 15 0.09 12.89 25.95
C LEU D 15 0.94 14.17 26.02
N ARG D 16 0.93 14.93 24.90
CA ARG D 16 1.78 16.11 24.87
C ARG D 16 0.95 17.42 24.82
N GLY D 17 -0.32 17.24 24.70
CA GLY D 17 -1.19 18.45 24.71
C GLY D 17 -1.42 18.95 26.11
N VAL D 18 -1.99 20.17 26.21
CA VAL D 18 -2.42 20.66 27.56
C VAL D 18 -3.89 20.33 27.68
N ALA D 19 -4.23 19.51 28.65
CA ALA D 19 -5.61 18.96 28.77
C ALA D 19 -6.58 20.14 29.05
N ALA D 20 -7.77 20.06 28.43
CA ALA D 20 -8.81 21.13 28.64
C ALA D 20 -9.53 20.90 29.95
N PRO D 21 -10.02 21.98 30.57
CA PRO D 21 -10.81 21.79 31.77
C PRO D 21 -12.09 21.03 31.49
N VAL D 22 -12.56 20.37 32.53
CA VAL D 22 -13.87 19.78 32.57
C VAL D 22 -14.86 20.97 32.78
N GLU D 23 -15.88 21.00 31.90
CA GLU D 23 -16.88 22.06 31.99
C GLU D 23 -17.77 21.80 33.17
N ARG D 24 -18.27 22.84 33.83
CA ARG D 24 -19.06 22.60 35.05
C ARG D 24 -20.35 21.78 34.79
N ALA D 25 -20.89 21.95 33.58
CA ALA D 25 -22.02 21.15 33.06
C ALA D 25 -21.77 19.65 33.19
N GLN D 26 -20.49 19.23 33.21
CA GLN D 26 -20.18 17.82 33.35
C GLN D 26 -20.01 17.32 34.80
N LEU D 27 -19.88 18.24 35.75
CA LEU D 27 -19.65 17.81 37.11
C LEU D 27 -20.79 16.99 37.68
N GLY D 28 -20.50 15.88 38.34
CA GLY D 28 -21.55 15.01 38.92
C GLY D 28 -22.28 14.18 37.86
N GLY D 29 -21.97 14.41 36.58
CA GLY D 29 -22.67 13.73 35.46
C GLY D 29 -22.16 12.33 35.16
N PRO D 30 -22.92 11.53 34.39
CA PRO D 30 -22.56 10.11 34.08
C PRO D 30 -21.27 9.94 33.25
N GLU D 31 -21.01 10.89 32.34
CA GLU D 31 -19.86 10.74 31.44
C GLU D 31 -18.55 10.91 32.28
N LEU D 32 -18.55 11.97 33.08
CA LEU D 32 -17.41 12.14 34.02
C LEU D 32 -17.28 10.95 34.97
N GLN D 33 -18.40 10.42 35.44
CA GLN D 33 -18.32 9.27 36.31
C GLN D 33 -17.76 8.03 35.58
N ARG D 34 -18.07 7.85 34.32
CA ARG D 34 -17.52 6.71 33.62
C ARG D 34 -15.98 6.89 33.47
N LEU D 35 -15.58 8.13 33.20
CA LEU D 35 -14.12 8.41 33.05
C LEU D 35 -13.46 8.20 34.37
N THR D 36 -13.99 8.73 35.52
CA THR D 36 -13.25 8.52 36.78
C THR D 36 -13.23 7.07 37.17
N GLN D 37 -14.34 6.35 36.90
CA GLN D 37 -14.31 4.97 37.25
C GLN D 37 -13.27 4.17 36.42
N ARG D 38 -13.15 4.46 35.13
CA ARG D 38 -12.22 3.80 34.28
C ARG D 38 -10.76 4.13 34.70
N LEU D 39 -10.52 5.40 35.04
CA LEU D 39 -9.13 5.73 35.47
C LEU D 39 -8.78 4.97 36.71
N VAL D 40 -9.71 4.91 37.70
CA VAL D 40 -9.41 4.13 38.91
C VAL D 40 -9.25 2.64 38.65
N GLN D 41 -10.10 2.09 37.78
CA GLN D 41 -9.98 0.69 37.47
C GLN D 41 -8.63 0.33 36.85
N VAL D 42 -8.18 1.17 35.88
CA VAL D 42 -6.91 0.85 35.16
C VAL D 42 -5.74 1.07 36.06
N MET D 43 -5.85 2.13 36.89
CA MET D 43 -4.78 2.36 37.88
C MET D 43 -4.66 1.14 38.77
N ARG D 44 -5.78 0.63 39.32
CA ARG D 44 -5.64 -0.52 40.20
C ARG D 44 -5.17 -1.83 39.48
N ARG D 45 -5.69 -2.06 38.25
CA ARG D 45 -5.22 -3.23 37.49
C ARG D 45 -3.77 -3.23 37.26
N ARG D 46 -3.21 -2.06 36.96
CA ARG D 46 -1.75 -1.98 36.69
C ARG D 46 -0.90 -1.78 37.94
N ARG D 47 -1.56 -1.75 39.10
CA ARG D 47 -0.79 -1.67 40.40
C ARG D 47 0.07 -0.42 40.40
N CYS D 48 -0.48 0.65 39.85
CA CYS D 48 0.25 1.96 39.76
C CYS D 48 -0.49 2.91 40.71
N VAL D 49 0.07 4.09 40.94
CA VAL D 49 -0.34 4.87 42.12
C VAL D 49 -0.89 6.21 41.64
N GLY D 50 -0.98 6.36 40.33
CA GLY D 50 -1.64 7.61 39.82
C GLY D 50 -1.94 7.36 38.36
N LEU D 51 -2.94 8.03 37.79
CA LEU D 51 -3.24 7.94 36.36
C LEU D 51 -4.03 9.18 35.96
N SER D 52 -3.85 9.65 34.74
CA SER D 52 -4.56 10.85 34.30
C SER D 52 -5.35 10.56 33.08
N ALA D 53 -6.40 11.38 32.86
CA ALA D 53 -7.26 11.05 31.71
C ALA D 53 -6.60 11.12 30.32
N PRO D 54 -5.55 11.97 30.12
CA PRO D 54 -4.92 11.93 28.77
C PRO D 54 -4.28 10.54 28.49
N GLN D 55 -3.93 9.82 29.55
CA GLN D 55 -3.35 8.51 29.35
C GLN D 55 -4.39 7.54 28.94
N LEU D 56 -5.68 7.79 29.15
CA LEU D 56 -6.71 6.92 28.48
C LEU D 56 -7.24 7.58 27.21
N GLY D 57 -6.53 8.54 26.63
CA GLY D 57 -6.93 9.11 25.36
C GLY D 57 -7.91 10.32 25.50
N VAL D 58 -8.11 10.81 26.69
CA VAL D 58 -9.13 11.85 26.93
C VAL D 58 -8.45 13.15 27.41
N PRO D 59 -8.44 14.19 26.57
CA PRO D 59 -7.65 15.37 26.85
C PRO D 59 -8.38 16.29 27.81
N ARG D 60 -8.59 15.79 29.02
CA ARG D 60 -9.34 16.59 30.04
C ARG D 60 -8.60 16.55 31.35
N GLN D 61 -8.86 17.58 32.16
CA GLN D 61 -8.06 17.76 33.41
C GLN D 61 -8.67 16.91 34.50
N VAL D 62 -8.36 15.59 34.45
CA VAL D 62 -8.84 14.74 35.53
C VAL D 62 -7.69 13.76 35.85
N LEU D 63 -7.52 13.48 37.13
CA LEU D 63 -6.45 12.51 37.52
C LEU D 63 -6.88 11.82 38.76
N ALA D 64 -6.29 10.63 38.95
CA ALA D 64 -6.60 9.91 40.24
C ALA D 64 -5.30 9.49 40.86
N LEU D 65 -5.31 9.39 42.20
CA LEU D 65 -4.09 9.11 42.98
C LEU D 65 -4.46 8.13 44.08
N GLU D 66 -3.59 7.12 44.31
CA GLU D 66 -3.90 6.15 45.39
C GLU D 66 -2.61 5.38 45.71
N LEU D 67 -2.30 5.29 46.99
CA LEU D 67 -1.19 4.44 47.37
C LEU D 67 -1.59 3.50 48.52
N PRO D 68 -1.93 2.28 48.13
CA PRO D 68 -2.40 1.33 49.16
C PRO D 68 -1.24 0.86 50.04
N GLU D 69 -1.55 0.49 51.31
CA GLU D 69 -0.54 -0.01 52.20
C GLU D 69 0.30 -1.15 51.60
N ALA D 70 -0.33 -2.04 50.84
CA ALA D 70 0.40 -3.23 50.31
C ALA D 70 1.54 -2.81 49.38
N LEU D 71 1.26 -1.82 48.51
CA LEU D 71 2.37 -1.27 47.69
C LEU D 71 3.53 -0.71 48.54
N CYS D 72 3.26 -0.02 49.67
CA CYS D 72 4.34 0.53 50.48
C CYS D 72 5.06 -0.61 51.06
N ARG D 73 4.28 -1.61 51.44
CA ARG D 73 4.90 -2.75 52.15
C ARG D 73 5.86 -3.58 51.30
N GLU D 74 5.63 -3.57 50.00
CA GLU D 74 6.50 -4.21 49.02
C GLU D 74 7.84 -3.51 48.89
N CYS D 75 7.90 -2.24 49.31
CA CYS D 75 9.19 -1.55 49.34
C CYS D 75 10.06 -1.95 50.55
N PRO D 76 11.33 -2.37 50.34
CA PRO D 76 12.15 -2.71 51.54
C PRO D 76 12.22 -1.51 52.49
N PRO D 77 12.30 -1.81 53.79
CA PRO D 77 12.03 -0.72 54.71
C PRO D 77 13.01 0.45 54.64
N ARG D 78 14.29 0.23 54.38
CA ARG D 78 15.20 1.38 54.37
C ARG D 78 14.94 2.26 53.13
N GLN D 79 14.60 1.63 52.04
CA GLN D 79 14.23 2.39 50.81
C GLN D 79 12.89 3.15 51.09
N ARG D 80 11.97 2.51 51.80
CA ARG D 80 10.68 3.13 52.07
C ARG D 80 10.89 4.38 52.90
N ALA D 81 11.83 4.31 53.85
CA ALA D 81 11.99 5.43 54.71
C ALA D 81 12.73 6.56 53.98
N LEU D 82 13.66 6.17 53.14
CA LEU D 82 14.42 7.23 52.35
C LEU D 82 13.49 7.95 51.41
N ARG D 83 12.53 7.24 50.81
CA ARG D 83 11.60 7.83 49.84
C ARG D 83 10.44 8.52 50.55
N GLN D 84 10.29 8.33 51.88
CA GLN D 84 9.17 8.89 52.64
C GLN D 84 7.89 8.41 52.02
N MET D 85 7.80 7.09 51.81
CA MET D 85 6.67 6.52 51.12
C MET D 85 5.68 6.01 52.17
N GLU D 86 4.51 6.67 52.23
CA GLU D 86 3.43 6.32 53.19
C GLU D 86 2.11 6.22 52.44
N PRO D 87 1.26 5.30 52.87
CA PRO D 87 -0.02 5.08 52.13
C PRO D 87 -0.94 6.25 52.23
N PHE D 88 -1.76 6.42 51.22
CA PHE D 88 -2.80 7.40 51.25
C PHE D 88 -4.03 6.87 50.47
N PRO D 89 -5.22 7.37 50.80
CA PRO D 89 -6.40 6.80 50.15
C PRO D 89 -6.63 7.44 48.78
N LEU D 90 -7.52 6.79 48.01
CA LEU D 90 -7.88 7.31 46.66
C LEU D 90 -8.38 8.72 46.71
N ARG D 91 -7.79 9.56 45.87
CA ARG D 91 -8.37 10.87 45.60
C ARG D 91 -8.50 11.10 44.11
N VAL D 92 -9.59 11.73 43.66
CA VAL D 92 -9.77 12.00 42.24
C VAL D 92 -9.86 13.53 42.16
N PHE D 93 -9.10 14.15 41.29
CA PHE D 93 -9.09 15.63 41.13
C PHE D 93 -9.51 16.02 39.74
N VAL D 94 -10.38 17.03 39.66
CA VAL D 94 -10.91 17.54 38.43
C VAL D 94 -10.43 19.03 38.37
N ASN D 95 -9.93 19.47 37.23
CA ASN D 95 -9.38 20.83 37.09
C ASN D 95 -8.45 21.27 38.21
N PRO D 96 -7.46 20.45 38.54
CA PRO D 96 -6.54 20.77 39.63
C PRO D 96 -5.44 21.81 39.27
N SER D 97 -4.89 22.43 40.32
CA SER D 97 -3.78 23.37 40.14
C SER D 97 -2.74 23.00 41.23
N LEU D 98 -1.48 23.31 40.96
CA LEU D 98 -0.47 22.87 41.86
C LEU D 98 0.36 24.04 42.30
N ARG D 99 0.69 24.03 43.61
CA ARG D 99 1.65 25.07 44.13
C ARG D 99 2.76 24.38 44.90
N VAL D 100 3.99 24.85 44.71
CA VAL D 100 5.08 24.19 45.38
C VAL D 100 5.11 24.71 46.80
N LEU D 101 5.23 23.82 47.78
CA LEU D 101 5.34 24.19 49.23
C LEU D 101 6.78 24.15 49.72
N ASP D 102 7.57 23.16 49.28
CA ASP D 102 8.96 23.02 49.69
C ASP D 102 9.74 22.73 48.45
N SER D 103 10.56 23.69 48.02
CA SER D 103 11.14 23.59 46.68
C SER D 103 12.44 22.79 46.71
N ARG D 104 12.80 22.19 47.84
CA ARG D 104 14.03 21.39 47.92
C ARG D 104 13.81 20.25 46.88
N LEU D 105 14.85 19.88 46.16
CA LEU D 105 14.70 18.78 45.11
C LEU D 105 15.21 17.46 45.68
N VAL D 106 14.48 16.39 45.33
CA VAL D 106 14.78 15.04 45.79
C VAL D 106 14.75 14.20 44.48
N THR D 107 15.77 13.37 44.37
CA THR D 107 15.86 12.54 43.13
C THR D 107 15.73 11.06 43.46
N PHE D 108 14.82 10.39 42.71
CA PHE D 108 14.65 8.93 42.83
C PHE D 108 14.21 8.47 41.42
N PRO D 109 14.28 7.17 41.17
CA PRO D 109 13.74 6.61 39.90
C PRO D 109 12.24 6.63 39.89
N GLU D 110 11.71 6.92 38.71
CA GLU D 110 10.25 6.83 38.46
C GLU D 110 10.10 6.10 37.12
N GLY D 111 8.91 5.57 36.92
CA GLY D 111 8.51 5.11 35.57
C GLY D 111 7.14 5.59 35.27
N CYS D 112 6.71 5.40 34.04
CA CYS D 112 5.36 5.88 33.69
C CYS D 112 4.66 4.80 32.85
N GLU D 113 3.39 4.62 33.17
CA GLU D 113 2.62 3.61 32.36
C GLU D 113 2.57 3.94 30.86
N SER D 114 2.80 5.23 30.47
CA SER D 114 2.78 5.58 29.06
C SER D 114 4.15 5.55 28.44
N VAL D 115 5.20 5.13 29.19
CA VAL D 115 6.51 4.85 28.56
C VAL D 115 6.85 3.43 29.15
N ALA D 116 6.04 2.44 28.73
CA ALA D 116 6.11 1.13 29.41
C ALA D 116 7.53 0.50 29.35
N GLY D 117 7.94 0.05 30.55
CA GLY D 117 9.17 -0.81 30.64
C GLY D 117 10.41 -0.07 30.93
N PHE D 118 10.31 1.23 31.31
CA PHE D 118 11.61 1.99 31.59
C PHE D 118 11.49 2.71 32.88
N LEU D 119 12.65 3.06 33.43
CA LEU D 119 12.72 3.87 34.65
C LEU D 119 13.84 4.90 34.42
N ALA D 120 13.74 6.06 35.11
CA ALA D 120 14.93 6.97 35.12
C ALA D 120 14.76 7.84 36.43
N CYS D 121 15.89 8.33 36.88
CA CYS D 121 15.88 9.19 38.08
C CYS D 121 15.33 10.56 37.69
N VAL D 122 14.43 11.16 38.54
CA VAL D 122 13.82 12.44 38.18
C VAL D 122 13.84 13.24 39.47
N PRO D 123 14.35 14.50 39.39
CA PRO D 123 14.23 15.46 40.52
C PRO D 123 12.82 15.93 40.69
N ARG D 124 12.37 15.97 41.96
CA ARG D 124 11.03 16.46 42.20
C ARG D 124 11.07 17.34 43.44
N PHE D 125 10.07 18.26 43.53
CA PHE D 125 10.02 19.04 44.81
C PHE D 125 9.64 18.16 45.99
N GLN D 126 10.13 18.55 47.16
CA GLN D 126 9.82 17.80 48.38
C GLN D 126 8.36 17.88 48.80
N ALA D 127 7.71 19.05 48.64
CA ALA D 127 6.34 19.14 49.04
C ALA D 127 5.56 20.08 48.15
N VAL D 128 4.29 19.72 47.88
CA VAL D 128 3.42 20.48 46.97
C VAL D 128 2.01 20.48 47.49
N GLN D 129 1.17 21.37 46.95
CA GLN D 129 -0.25 21.38 47.29
C GLN D 129 -1.03 21.24 46.00
N ILE D 130 -1.94 20.27 45.97
CA ILE D 130 -2.80 20.19 44.80
C ILE D 130 -4.23 20.60 45.27
N SER D 131 -4.84 21.46 44.48
CA SER D 131 -6.18 21.89 44.76
C SER D 131 -7.03 21.69 43.55
N GLY D 132 -8.27 21.30 43.78
CA GLY D 132 -9.16 21.23 42.61
C GLY D 132 -10.54 20.86 43.07
N LEU D 133 -11.30 20.21 42.22
CA LEU D 133 -12.64 19.76 42.52
C LEU D 133 -12.67 18.26 42.60
N ASP D 134 -13.47 17.72 43.52
CA ASP D 134 -13.87 16.31 43.38
C ASP D 134 -14.90 16.14 42.23
N PRO D 135 -15.18 14.88 41.77
CA PRO D 135 -16.07 14.81 40.54
C PRO D 135 -17.45 15.50 40.70
N ASN D 136 -17.82 15.71 41.96
CA ASN D 136 -19.13 16.37 42.27
C ASN D 136 -19.03 17.87 42.43
N GLY D 137 -17.83 18.43 42.26
CA GLY D 137 -17.69 19.86 42.20
C GLY D 137 -17.31 20.47 43.54
N GLU D 138 -17.05 19.65 44.54
CA GLU D 138 -16.65 20.20 45.83
C GLU D 138 -15.16 20.46 45.84
N GLN D 139 -14.74 21.54 46.51
CA GLN D 139 -13.32 21.92 46.52
C GLN D 139 -12.55 20.91 47.33
N VAL D 140 -11.34 20.53 46.86
CA VAL D 140 -10.52 19.63 47.69
C VAL D 140 -9.09 20.20 47.67
N VAL D 141 -8.41 20.18 48.82
CA VAL D 141 -7.01 20.72 48.84
C VAL D 141 -6.20 19.66 49.57
N TRP D 142 -5.05 19.32 49.03
CA TRP D 142 -4.23 18.32 49.70
C TRP D 142 -2.78 18.80 49.67
N GLN D 143 -2.24 19.05 50.86
CA GLN D 143 -0.80 19.36 50.97
C GLN D 143 -0.04 18.08 51.27
N ALA D 144 0.98 17.76 50.46
CA ALA D 144 1.67 16.45 50.59
C ALA D 144 3.14 16.63 50.46
N SER D 145 3.90 15.69 51.05
CA SER D 145 5.33 15.79 50.96
C SER D 145 5.90 14.40 50.61
N GLY D 146 7.17 14.35 50.28
CA GLY D 146 7.84 13.02 50.10
C GLY D 146 7.29 12.31 48.86
N TRP D 147 7.05 11.02 48.99
CA TRP D 147 6.71 10.23 47.77
C TRP D 147 5.32 10.62 47.25
N ALA D 148 4.39 10.93 48.18
CA ALA D 148 3.03 11.43 47.72
C ALA D 148 3.20 12.69 46.86
N ALA D 149 4.11 13.58 47.28
CA ALA D 149 4.31 14.81 46.46
C ALA D 149 4.88 14.49 45.08
N ARG D 150 5.76 13.51 45.05
CA ARG D 150 6.31 13.06 43.71
C ARG D 150 5.21 12.51 42.79
N ILE D 151 4.29 11.68 43.31
CA ILE D 151 3.14 11.17 42.56
C ILE D 151 2.26 12.29 42.05
N ILE D 152 1.97 13.24 42.92
CA ILE D 152 1.16 14.40 42.50
C ILE D 152 1.86 15.15 41.33
N GLN D 153 3.16 15.39 41.45
CA GLN D 153 3.89 16.15 40.44
C GLN D 153 3.84 15.36 39.10
N HIS D 154 4.10 14.06 39.16
CA HIS D 154 4.10 13.24 37.92
C HIS D 154 2.70 13.32 37.26
N GLU D 155 1.64 13.15 38.05
CA GLU D 155 0.29 13.22 37.41
C GLU D 155 -0.09 14.55 36.89
N MET D 156 0.24 15.57 37.68
CA MET D 156 -0.06 16.98 37.22
C MET D 156 0.72 17.30 35.94
N ASP D 157 1.97 16.79 35.84
CA ASP D 157 2.70 17.05 34.60
C ASP D 157 1.98 16.45 33.40
N HIS D 158 1.33 15.25 33.55
CA HIS D 158 0.61 14.70 32.43
C HIS D 158 -0.46 15.64 31.91
N LEU D 159 -1.10 16.42 32.84
CA LEU D 159 -2.17 17.33 32.32
C LEU D 159 -1.58 18.54 31.64
N GLN D 160 -0.29 18.80 31.81
CA GLN D 160 0.37 19.84 30.98
C GLN D 160 1.08 19.34 29.77
N GLY D 161 0.96 18.03 29.55
CA GLY D 161 1.57 17.44 28.34
C GLY D 161 3.04 17.13 28.56
N CYS D 162 3.43 16.97 29.80
CA CYS D 162 4.81 16.73 30.20
C CYS D 162 4.98 15.30 30.74
N LEU D 163 6.02 14.60 30.20
CA LEU D 163 6.31 13.23 30.66
C LEU D 163 7.62 13.24 31.42
N PHE D 164 7.88 12.17 32.21
CA PHE D 164 9.05 12.23 33.08
C PHE D 164 10.33 12.26 32.25
N ILE D 165 10.26 11.73 30.99
CA ILE D 165 11.48 11.78 30.14
C ILE D 165 11.91 13.23 29.80
N ASP D 166 11.03 14.24 30.04
CA ASP D 166 11.36 15.61 29.75
C ASP D 166 12.21 16.19 30.92
N LYS D 167 12.25 15.50 32.06
CA LYS D 167 12.80 16.08 33.30
C LYS D 167 13.88 15.16 33.87
N MET D 168 14.02 14.00 33.29
CA MET D 168 14.90 12.93 33.87
C MET D 168 16.38 13.28 33.78
N ASP D 169 17.19 12.56 34.63
CA ASP D 169 18.61 12.47 34.36
C ASP D 169 18.82 11.36 33.32
N SER D 170 18.98 11.76 32.05
CA SER D 170 18.89 10.79 30.96
C SER D 170 19.95 9.69 31.04
N ARG D 171 21.03 9.93 31.81
CA ARG D 171 22.07 8.83 31.92
C ARG D 171 21.68 7.72 32.88
N THR D 172 20.52 7.94 33.54
CA THR D 172 19.99 6.89 34.38
C THR D 172 18.80 6.18 33.76
N PHE D 173 18.46 6.52 32.50
CA PHE D 173 17.33 5.83 31.82
C PHE D 173 17.67 4.35 31.57
N THR D 174 16.73 3.45 31.93
CA THR D 174 17.07 2.05 31.78
C THR D 174 15.82 1.19 31.47
N ASN D 175 16.05 0.15 30.68
CA ASN D 175 15.02 -0.90 30.63
C ASN D 175 14.91 -1.49 32.03
N VAL D 176 13.69 -1.90 32.39
CA VAL D 176 13.51 -2.43 33.76
C VAL D 176 14.19 -3.76 33.95
N TYR D 177 14.54 -4.45 32.88
CA TYR D 177 15.25 -5.73 33.07
C TYR D 177 16.76 -5.56 33.29
N TRP D 178 17.19 -4.29 33.38
CA TRP D 178 18.61 -4.01 33.88
C TRP D 178 18.48 -3.33 35.22
N MET D 179 19.36 -3.73 36.12
CA MET D 179 19.23 -3.07 37.45
C MET D 179 20.59 -3.15 38.12
N LYS D 180 20.70 -2.20 39.13
CA LYS D 180 21.89 -2.23 39.99
C LYS D 180 21.63 -3.17 41.11
N VAL D 181 22.66 -3.90 41.48
CA VAL D 181 22.52 -4.92 42.50
C VAL D 181 23.71 -4.78 43.52
N ASN D 182 23.55 -5.40 44.68
CA ASN D 182 24.62 -5.44 45.71
C ASN D 182 25.44 -6.64 45.49
N ASP D 183 26.75 -6.54 45.61
CA ASP D 183 27.60 -7.74 45.41
C ASP D 183 27.73 -8.46 46.75
C5 BB2 E . -26.14 1.66 -26.61
C3 BB2 E . -24.96 2.20 -27.34
O4 BB2 E . -23.90 1.62 -27.70
N1 BB2 E . -24.79 3.45 -27.56
O2 BB2 E . -23.57 3.81 -28.23
C6 BB2 E . -25.86 1.72 -25.07
C12 BB2 E . -26.78 0.86 -24.41
O13 BB2 E . -27.90 1.22 -24.23
C7 BB2 E . -25.90 3.09 -24.36
C8 BB2 E . -25.65 3.08 -22.80
C9 BB2 E . -24.28 2.49 -22.43
C10 BB2 E . -24.01 2.73 -20.93
C11 BB2 E . -25.08 2.08 -19.96
N14 BB2 E . -26.38 -0.32 -23.76
C15 BB2 E . -27.32 -1.16 -22.97
C16 BB2 E . -27.49 -2.51 -23.73
C18 BB2 E . -26.19 -3.23 -23.80
C17 BB2 E . -28.32 -2.19 -24.94
C19 BB2 E . -26.63 -1.34 -21.57
O20 BB2 E . -25.38 -1.18 -21.42
N21 BB2 E . -27.36 -1.79 -20.56
C22 BB2 E . -26.88 -2.03 -19.21
C23 BB2 E . -28.88 -1.88 -20.67
C24 BB2 E . -29.40 -2.14 -19.29
C25 BB2 E . -28.21 -1.96 -18.34
C26 BB2 E . -26.33 -3.45 -19.13
O27 BB2 E . -25.61 -3.44 -17.84
CO CO F . -21.91 2.24 -27.76
C5 BB2 G . -6.24 -20.93 -30.41
C3 BB2 G . -6.47 -20.81 -28.91
O4 BB2 G . -7.18 -19.94 -28.33
N1 BB2 G . -5.70 -21.30 -28.07
O2 BB2 G . -6.07 -21.12 -26.67
C6 BB2 G . -5.09 -19.94 -30.85
C12 BB2 G . -5.05 -19.86 -32.27
O13 BB2 G . -4.69 -20.75 -33.03
C7 BB2 G . -3.66 -20.38 -30.44
C8 BB2 G . -2.63 -19.24 -30.91
C9 BB2 G . -2.80 -17.80 -30.38
C10 BB2 G . -1.42 -17.05 -30.60
C11 BB2 G . -1.15 -16.74 -32.12
N14 BB2 G . -5.40 -18.67 -32.83
C15 BB2 G . -5.29 -18.43 -34.31
C16 BB2 G . -6.72 -18.31 -34.92
C18 BB2 G . -7.55 -19.61 -34.61
C17 BB2 G . -7.45 -17.13 -34.28
C19 BB2 G . -4.53 -17.09 -34.51
O20 BB2 G . -4.43 -16.17 -33.63
N21 BB2 G . -3.98 -16.93 -35.75
C22 BB2 G . -3.32 -15.68 -36.06
C23 BB2 G . -3.87 -17.94 -36.89
C24 BB2 G . -2.34 -17.59 -37.28
C25 BB2 G . -2.40 -16.08 -37.30
C26 BB2 G . -4.45 -14.82 -36.61
O27 BB2 G . -3.65 -13.56 -36.69
CO CO H . -7.03 -18.93 -26.51
C5 BB2 I . 22.19 2.77 14.27
C3 BB2 I . 22.89 2.84 15.58
O4 BB2 I . 22.27 2.98 16.66
N1 BB2 I . 24.11 2.98 15.62
O2 BB2 I . 24.57 3.16 16.99
C6 BB2 I . 21.78 4.19 13.84
C12 BB2 I . 20.76 4.03 12.77
O13 BB2 I . 21.03 3.53 11.65
C7 BB2 I . 23.02 4.95 13.28
C8 BB2 I . 22.70 6.40 12.64
C9 BB2 I . 22.00 7.34 13.56
C10 BB2 I . 21.94 8.77 12.92
C11 BB2 I . 20.91 8.76 11.75
N14 BB2 I . 19.59 4.61 12.99
C15 BB2 I . 18.52 4.59 11.93
C16 BB2 I . 17.42 3.62 12.29
C18 BB2 I . 18.07 2.21 12.47
C17 BB2 I . 16.73 4.02 13.59
C19 BB2 I . 17.92 6.00 11.89
O20 BB2 I . 18.06 6.85 12.80
N21 BB2 I . 17.21 6.37 10.78
C22 BB2 I . 16.65 7.72 10.66
C23 BB2 I . 17.09 5.44 9.58
C24 BB2 I . 16.55 6.38 8.50
C25 BB2 I . 16.31 7.79 9.11
C26 BB2 I . 15.40 7.88 11.51
O27 BB2 I . 15.07 9.26 11.14
CO CO J . 23.24 4.08 18.31
C5 BB2 K . 1.98 5.58 36.98
C3 BB2 K . 1.81 6.60 35.96
O4 BB2 K . 2.59 6.72 34.95
N1 BB2 K . 0.92 7.45 36.08
O2 BB2 K . 1.00 8.46 35.11
C6 BB2 K . 3.21 5.98 37.85
C12 BB2 K . 3.66 4.84 38.69
O13 BB2 K . 3.00 4.32 39.57
C7 BB2 K . 2.85 7.15 38.83
C8 BB2 K . 3.82 7.56 39.96
C9 BB2 K . 5.12 8.05 39.34
C10 BB2 K . 5.96 8.72 40.49
C11 BB2 K . 6.50 7.60 41.46
N14 BB2 K . 4.91 4.40 38.47
C15 BB2 K . 5.51 3.35 39.35
C16 BB2 K . 5.85 2.07 38.46
C18 BB2 K . 4.45 1.57 38.06
C17 BB2 K . 6.74 2.36 37.26
C19 BB2 K . 6.82 3.87 39.87
O20 BB2 K . 7.46 4.86 39.35
N21 BB2 K . 7.43 3.25 40.91
C22 BB2 K . 8.73 3.76 41.37
C23 BB2 K . 6.92 2.10 41.76
C24 BB2 K . 7.61 2.42 43.12
C25 BB2 K . 8.93 3.02 42.74
C26 BB2 K . 9.85 3.23 40.44
O27 BB2 K . 11.06 3.64 41.17
CO CO L . 2.81 8.65 34.00
#